data_2JYU
#
_entry.id   2JYU
#
_entity_poly.entity_id   1
_entity_poly.type   'polypeptide(L)'
_entity_poly.pdbx_seq_one_letter_code
;AMVPCDNVSSCPSSDTCCQLTSGEWGCCPIPEAVCCSDHQHCCPQGYTCVAEGQCQKLAAALEHHHHHH
;
_entity_poly.pdbx_strand_id   A
#
# COMPACT_ATOMS: atom_id res chain seq x y z
N VAL A 3 8.49 3.17 -10.65
CA VAL A 3 8.28 4.13 -9.52
C VAL A 3 9.00 5.45 -9.80
N PRO A 4 8.45 6.27 -10.72
CA PRO A 4 9.04 7.56 -11.08
C PRO A 4 8.69 8.66 -10.08
N CYS A 5 9.60 8.95 -9.18
CA CYS A 5 9.40 9.99 -8.17
C CYS A 5 10.70 10.73 -7.86
N ASP A 6 11.21 11.44 -8.86
CA ASP A 6 12.46 12.20 -8.70
C ASP A 6 13.60 11.27 -8.31
N ASN A 7 14.74 11.88 -7.96
CA ASN A 7 15.92 11.11 -7.57
C ASN A 7 16.34 11.45 -6.15
N VAL A 8 15.51 12.23 -5.45
CA VAL A 8 15.79 12.62 -4.08
C VAL A 8 15.40 11.52 -3.09
N SER A 9 14.15 11.07 -3.19
CA SER A 9 13.66 10.01 -2.31
C SER A 9 12.81 9.01 -3.08
N SER A 10 13.36 7.80 -3.27
CA SER A 10 12.66 6.75 -3.99
C SER A 10 11.92 5.83 -3.02
N CYS A 11 11.33 4.77 -3.56
CA CYS A 11 10.60 3.81 -2.74
C CYS A 11 11.12 2.39 -2.95
N PRO A 12 11.95 1.88 -2.02
CA PRO A 12 12.51 0.55 -2.11
C PRO A 12 11.57 -0.52 -1.55
N SER A 13 11.88 -1.78 -1.84
CA SER A 13 11.05 -2.89 -1.37
C SER A 13 9.62 -2.74 -1.85
N SER A 14 8.72 -3.56 -1.29
CA SER A 14 7.31 -3.52 -1.65
C SER A 14 6.64 -2.29 -1.08
N ASP A 15 6.79 -1.15 -1.76
CA ASP A 15 6.19 0.10 -1.30
C ASP A 15 5.67 0.91 -2.48
N THR A 16 5.05 2.05 -2.18
CA THR A 16 4.50 2.92 -3.21
C THR A 16 4.96 4.36 -3.01
N CYS A 17 5.22 5.04 -4.11
CA CYS A 17 5.67 6.44 -4.05
C CYS A 17 4.48 7.39 -3.96
N CYS A 18 4.47 8.21 -2.91
CA CYS A 18 3.40 9.18 -2.70
C CYS A 18 3.91 10.60 -2.89
N GLN A 19 3.02 11.48 -3.35
CA GLN A 19 3.39 12.88 -3.57
C GLN A 19 3.09 13.72 -2.33
N LEU A 20 3.71 14.89 -2.26
CA LEU A 20 3.50 15.80 -1.13
C LEU A 20 3.03 17.17 -1.62
N THR A 21 3.07 18.15 -0.72
CA THR A 21 2.66 19.50 -1.07
C THR A 21 3.83 20.48 -0.98
N SER A 22 5.03 19.99 -1.25
CA SER A 22 6.23 20.80 -1.21
C SER A 22 7.14 20.51 -2.39
N GLY A 23 6.58 19.90 -3.43
CA GLY A 23 7.35 19.58 -4.62
C GLY A 23 8.31 18.43 -4.39
N GLU A 24 8.10 17.69 -3.30
CA GLU A 24 8.95 16.55 -2.98
C GLU A 24 8.14 15.26 -2.90
N TRP A 25 8.76 14.15 -3.26
CA TRP A 25 8.10 12.85 -3.24
C TRP A 25 8.65 11.98 -2.12
N GLY A 26 7.75 11.25 -1.46
CA GLY A 26 8.17 10.36 -0.37
C GLY A 26 7.62 8.96 -0.51
N CYS A 27 7.87 8.13 0.49
CA CYS A 27 7.40 6.75 0.48
C CYS A 27 6.16 6.58 1.35
N CYS A 28 5.23 5.73 0.90
CA CYS A 28 4.00 5.49 1.64
C CYS A 28 4.18 4.30 2.60
N PRO A 29 3.84 4.49 3.89
CA PRO A 29 3.96 3.43 4.90
C PRO A 29 2.77 2.47 4.88
N ILE A 30 1.92 2.59 3.87
CA ILE A 30 0.75 1.73 3.75
C ILE A 30 0.62 1.16 2.33
N PRO A 31 1.62 0.39 1.87
CA PRO A 31 1.61 -0.20 0.54
C PRO A 31 0.93 -1.57 0.52
N GLU A 32 -0.30 -1.63 1.02
CA GLU A 32 -1.05 -2.88 1.05
C GLU A 32 -2.54 -2.63 0.86
N ALA A 33 -3.35 -3.64 1.13
CA ALA A 33 -4.81 -3.54 0.98
C ALA A 33 -5.20 -3.40 -0.48
N VAL A 34 -6.35 -3.97 -0.84
CA VAL A 34 -6.84 -3.90 -2.21
C VAL A 34 -7.76 -2.70 -2.41
N CYS A 35 -8.35 -2.60 -3.60
CA CYS A 35 -9.25 -1.51 -3.93
C CYS A 35 -10.14 -1.87 -5.11
N CYS A 36 -10.19 -3.17 -5.41
CA CYS A 36 -11.01 -3.66 -6.52
C CYS A 36 -12.31 -4.27 -6.02
N SER A 37 -13.43 -3.84 -6.61
CA SER A 37 -14.74 -4.33 -6.23
C SER A 37 -15.74 -4.14 -7.36
N ASP A 38 -15.52 -3.10 -8.17
CA ASP A 38 -16.39 -2.80 -9.29
C ASP A 38 -17.85 -2.65 -8.84
N HIS A 39 -18.05 -1.81 -7.83
CA HIS A 39 -19.39 -1.57 -7.29
C HIS A 39 -20.04 -2.89 -6.85
N GLN A 40 -19.22 -3.83 -6.40
CA GLN A 40 -19.70 -5.13 -5.95
C GLN A 40 -20.52 -5.81 -7.04
N HIS A 41 -19.83 -6.55 -7.92
CA HIS A 41 -20.50 -7.26 -9.01
C HIS A 41 -19.84 -8.61 -9.25
N CYS A 42 -18.53 -8.67 -9.04
CA CYS A 42 -17.78 -9.91 -9.25
C CYS A 42 -16.96 -10.28 -8.00
N CYS A 43 -15.89 -9.54 -7.78
CA CYS A 43 -15.03 -9.79 -6.63
C CYS A 43 -14.98 -8.57 -5.70
N PRO A 44 -15.53 -8.71 -4.48
CA PRO A 44 -15.54 -7.62 -3.49
C PRO A 44 -14.15 -7.26 -2.99
N GLN A 45 -14.08 -6.64 -1.81
CA GLN A 45 -12.81 -6.26 -1.22
C GLN A 45 -12.19 -7.41 -0.45
N GLY A 46 -12.63 -8.63 -0.75
CA GLY A 46 -12.11 -9.80 -0.07
C GLY A 46 -10.95 -10.43 -0.81
N TYR A 47 -10.80 -10.08 -2.09
CA TYR A 47 -9.73 -10.62 -2.92
C TYR A 47 -9.03 -9.51 -3.70
N THR A 48 -7.94 -9.85 -4.36
CA THR A 48 -7.18 -8.89 -5.15
C THR A 48 -7.47 -9.02 -6.64
N CYS A 49 -7.36 -7.92 -7.37
CA CYS A 49 -7.61 -7.93 -8.81
C CYS A 49 -6.33 -8.27 -9.58
N VAL A 50 -6.25 -9.51 -10.04
CA VAL A 50 -5.08 -9.97 -10.80
C VAL A 50 -5.40 -10.08 -12.28
N ALA A 51 -4.43 -9.72 -13.11
CA ALA A 51 -4.61 -9.78 -14.56
C ALA A 51 -4.44 -11.20 -15.07
N GLU A 52 -5.12 -11.51 -16.18
CA GLU A 52 -5.04 -12.83 -16.78
C GLU A 52 -5.43 -13.91 -15.77
N GLY A 53 -6.71 -13.98 -15.45
CA GLY A 53 -7.19 -14.96 -14.50
C GLY A 53 -8.46 -14.52 -13.78
N GLN A 54 -8.34 -14.29 -12.47
CA GLN A 54 -9.48 -13.86 -11.68
C GLN A 54 -9.02 -13.16 -10.40
N CYS A 55 -9.98 -12.82 -9.54
CA CYS A 55 -9.68 -12.15 -8.28
C CYS A 55 -9.32 -13.16 -7.19
N GLN A 56 -8.27 -12.86 -6.44
CA GLN A 56 -7.82 -13.73 -5.36
C GLN A 56 -6.92 -12.96 -4.40
N LYS A 57 -7.00 -13.30 -3.11
CA LYS A 57 -6.20 -12.64 -2.10
C LYS A 57 -4.97 -13.47 -1.74
N LEU A 58 -4.04 -12.87 -1.01
CA LEU A 58 -2.83 -13.56 -0.58
C LEU A 58 -2.61 -13.42 0.92
N ALA A 59 -3.23 -12.41 1.52
CA ALA A 59 -3.10 -12.18 2.95
C ALA A 59 -4.39 -12.57 3.68
N ALA A 60 -4.47 -12.20 4.95
CA ALA A 60 -5.64 -12.50 5.77
C ALA A 60 -5.92 -14.01 5.79
N ALA A 61 -5.26 -14.72 6.69
CA ALA A 61 -5.44 -16.16 6.81
C ALA A 61 -5.84 -16.55 8.23
N LEU A 62 -6.60 -17.63 8.35
CA LEU A 62 -7.05 -18.11 9.66
C LEU A 62 -7.82 -17.03 10.41
N GLU A 63 -8.55 -16.22 9.66
CA GLU A 63 -9.34 -15.14 10.26
C GLU A 63 -10.76 -15.60 10.57
N HIS A 64 -10.91 -16.90 10.81
CA HIS A 64 -12.21 -17.48 11.12
C HIS A 64 -13.21 -17.22 10.00
N HIS A 65 -13.25 -18.11 9.02
CA HIS A 65 -14.15 -17.98 7.89
C HIS A 65 -15.50 -18.63 8.20
N HIS A 66 -15.67 -19.04 9.45
CA HIS A 66 -16.90 -19.67 9.89
C HIS A 66 -17.81 -18.67 10.61
N HIS A 67 -17.78 -17.43 10.15
CA HIS A 67 -18.59 -16.37 10.74
C HIS A 67 -19.64 -15.87 9.75
N HIS A 68 -19.90 -14.56 9.77
CA HIS A 68 -20.90 -13.96 8.87
C HIS A 68 -22.31 -14.48 9.19
N HIS A 69 -23.31 -13.70 8.78
CA HIS A 69 -24.70 -14.08 9.01
C HIS A 69 -25.62 -13.41 8.00
N VAL A 3 11.95 7.56 0.57
CA VAL A 3 13.01 7.68 -0.48
C VAL A 3 12.74 8.85 -1.41
N PRO A 4 13.73 9.75 -1.61
CA PRO A 4 13.57 10.92 -2.48
C PRO A 4 13.17 10.54 -3.89
N CYS A 5 12.09 11.16 -4.38
CA CYS A 5 11.59 10.89 -5.73
C CYS A 5 11.57 12.16 -6.56
N ASP A 6 12.63 12.96 -6.44
CA ASP A 6 12.74 14.22 -7.18
C ASP A 6 13.08 13.95 -8.65
N ASN A 7 13.80 12.86 -8.89
CA ASN A 7 14.19 12.49 -10.24
C ASN A 7 14.35 10.99 -10.37
N VAL A 8 14.17 10.28 -9.26
CA VAL A 8 14.29 8.82 -9.25
C VAL A 8 13.44 8.20 -8.16
N SER A 9 12.36 7.54 -8.56
CA SER A 9 11.47 6.89 -7.60
C SER A 9 11.85 5.42 -7.40
N SER A 10 12.44 5.12 -6.25
CA SER A 10 12.86 3.76 -5.94
C SER A 10 12.75 3.48 -4.44
N CYS A 11 11.55 3.09 -4.02
CA CYS A 11 11.31 2.78 -2.61
C CYS A 11 11.52 1.28 -2.35
N PRO A 12 12.11 0.94 -1.19
CA PRO A 12 12.38 -0.45 -0.81
C PRO A 12 11.17 -1.11 -0.15
N SER A 13 11.31 -2.39 0.18
CA SER A 13 10.24 -3.15 0.82
C SER A 13 8.98 -3.15 -0.04
N SER A 14 9.16 -3.11 -1.36
CA SER A 14 8.04 -3.09 -2.30
C SER A 14 7.06 -1.97 -1.97
N ASP A 15 7.60 -0.82 -1.56
CA ASP A 15 6.78 0.33 -1.21
C ASP A 15 6.44 1.15 -2.45
N THR A 16 5.76 2.27 -2.25
CA THR A 16 5.37 3.15 -3.34
C THR A 16 5.64 4.61 -2.98
N CYS A 17 5.93 5.42 -4.00
CA CYS A 17 6.20 6.84 -3.77
C CYS A 17 5.00 7.69 -4.15
N CYS A 18 4.68 8.65 -3.30
CA CYS A 18 3.55 9.55 -3.55
C CYS A 18 3.92 10.99 -3.24
N GLN A 19 3.22 11.93 -3.87
CA GLN A 19 3.49 13.36 -3.67
C GLN A 19 2.95 13.82 -2.33
N LEU A 20 3.50 14.92 -1.82
CA LEU A 20 3.07 15.47 -0.53
C LEU A 20 2.25 16.74 -0.74
N THR A 21 2.93 17.87 -0.83
CA THR A 21 2.25 19.16 -1.01
C THR A 21 2.77 19.87 -2.26
N SER A 22 4.04 20.29 -2.22
CA SER A 22 4.64 20.99 -3.35
C SER A 22 6.17 20.86 -3.32
N GLY A 23 6.72 20.07 -4.23
CA GLY A 23 8.15 19.88 -4.29
C GLY A 23 8.66 18.86 -3.31
N GLU A 24 7.77 18.37 -2.45
CA GLU A 24 8.14 17.37 -1.45
C GLU A 24 7.58 16.00 -1.82
N TRP A 25 8.45 14.98 -1.79
CA TRP A 25 8.03 13.62 -2.11
C TRP A 25 8.14 12.72 -0.88
N GLY A 26 7.14 11.86 -0.69
CA GLY A 26 7.14 10.96 0.44
C GLY A 26 6.60 9.59 0.10
N CYS A 27 7.23 8.55 0.63
CA CYS A 27 6.81 7.18 0.38
C CYS A 27 5.69 6.77 1.33
N CYS A 28 4.75 5.99 0.83
CA CYS A 28 3.61 5.53 1.63
C CYS A 28 3.99 4.27 2.42
N PRO A 29 3.82 4.30 3.75
CA PRO A 29 4.13 3.17 4.62
C PRO A 29 3.36 1.90 4.23
N ILE A 30 2.17 2.10 3.67
CA ILE A 30 1.33 0.98 3.26
C ILE A 30 0.82 1.18 1.84
N PRO A 31 1.33 0.39 0.87
CA PRO A 31 0.93 0.48 -0.54
C PRO A 31 -0.53 0.05 -0.74
N GLU A 32 -1.45 0.99 -0.54
CA GLU A 32 -2.87 0.71 -0.70
C GLU A 32 -3.32 0.98 -2.13
N ALA A 33 -4.56 0.61 -2.44
CA ALA A 33 -5.11 0.82 -3.76
C ALA A 33 -6.07 2.01 -3.78
N VAL A 34 -5.97 2.83 -4.84
CA VAL A 34 -6.81 4.02 -4.99
C VAL A 34 -7.14 4.67 -3.65
N CYS A 35 -6.14 5.30 -3.05
CA CYS A 35 -6.31 5.96 -1.76
C CYS A 35 -7.30 7.12 -1.86
N CYS A 36 -6.84 8.24 -2.39
CA CYS A 36 -7.68 9.43 -2.53
C CYS A 36 -8.95 9.11 -3.33
N SER A 37 -10.04 9.80 -2.99
CA SER A 37 -11.32 9.60 -3.67
C SER A 37 -12.13 10.89 -3.69
N ASP A 38 -12.02 11.63 -4.78
CA ASP A 38 -12.76 12.89 -4.93
C ASP A 38 -14.24 12.64 -5.10
N HIS A 39 -15.01 13.01 -4.08
CA HIS A 39 -16.47 12.84 -4.12
C HIS A 39 -17.16 14.10 -4.62
N GLN A 40 -17.52 14.09 -5.90
CA GLN A 40 -18.20 15.24 -6.51
C GLN A 40 -19.45 14.81 -7.25
N HIS A 41 -19.31 13.85 -8.16
CA HIS A 41 -20.45 13.36 -8.94
C HIS A 41 -20.08 12.09 -9.71
N CYS A 42 -18.85 11.61 -9.50
CA CYS A 42 -18.38 10.40 -10.19
C CYS A 42 -17.11 9.86 -9.54
N CYS A 43 -16.18 9.39 -10.36
CA CYS A 43 -14.91 8.83 -9.88
C CYS A 43 -15.15 7.56 -9.08
N PRO A 44 -15.78 6.54 -9.69
CA PRO A 44 -16.06 5.27 -9.02
C PRO A 44 -14.95 4.26 -9.20
N GLN A 45 -15.03 3.15 -8.48
CA GLN A 45 -14.03 2.09 -8.56
C GLN A 45 -12.62 2.64 -8.29
N GLY A 46 -12.55 3.68 -7.49
CA GLY A 46 -11.27 4.28 -7.16
C GLY A 46 -10.70 5.11 -8.30
N TYR A 47 -10.29 6.34 -7.99
CA TYR A 47 -9.72 7.24 -8.98
C TYR A 47 -8.58 8.06 -8.38
N THR A 48 -7.80 8.71 -9.24
CA THR A 48 -6.69 9.53 -8.79
C THR A 48 -7.01 11.01 -8.95
N CYS A 49 -6.88 11.77 -7.86
CA CYS A 49 -7.16 13.20 -7.88
C CYS A 49 -5.94 13.97 -8.35
N VAL A 50 -6.07 14.66 -9.48
CA VAL A 50 -4.98 15.44 -10.03
C VAL A 50 -5.33 16.93 -10.10
N ALA A 51 -4.39 17.77 -9.69
CA ALA A 51 -4.59 19.21 -9.69
C ALA A 51 -5.81 19.62 -8.86
N GLU A 52 -6.26 18.71 -8.01
CA GLU A 52 -7.42 18.96 -7.15
C GLU A 52 -8.61 19.44 -7.98
N GLY A 53 -9.24 18.51 -8.69
CA GLY A 53 -10.39 18.86 -9.51
C GLY A 53 -10.93 17.67 -10.28
N GLN A 54 -10.26 17.32 -11.37
CA GLN A 54 -10.67 16.20 -12.20
C GLN A 54 -9.98 14.92 -11.74
N CYS A 55 -10.70 13.80 -11.81
CA CYS A 55 -10.15 12.52 -11.40
C CYS A 55 -9.84 11.64 -12.60
N GLN A 56 -8.66 11.03 -12.59
CA GLN A 56 -8.23 10.16 -13.68
C GLN A 56 -7.78 8.80 -13.12
N LYS A 57 -8.06 7.74 -13.87
CA LYS A 57 -7.69 6.40 -13.44
C LYS A 57 -6.56 5.85 -14.32
N LEU A 58 -6.11 4.65 -14.00
CA LEU A 58 -5.03 4.01 -14.76
C LEU A 58 -5.58 3.17 -15.90
N ALA A 59 -4.68 2.65 -16.74
CA ALA A 59 -5.09 1.83 -17.87
C ALA A 59 -4.30 0.53 -17.91
N ALA A 60 -4.81 -0.47 -17.20
CA ALA A 60 -4.16 -1.78 -17.14
C ALA A 60 -5.20 -2.90 -17.10
N ALA A 61 -6.46 -2.54 -17.31
CA ALA A 61 -7.55 -3.51 -17.29
C ALA A 61 -7.44 -4.47 -18.47
N LEU A 62 -8.26 -5.52 -18.45
CA LEU A 62 -8.28 -6.51 -19.52
C LEU A 62 -9.56 -7.33 -19.49
N GLU A 63 -10.00 -7.75 -20.67
CA GLU A 63 -11.23 -8.54 -20.80
C GLU A 63 -12.43 -7.78 -20.25
N HIS A 64 -13.14 -7.09 -21.13
CA HIS A 64 -14.31 -6.32 -20.73
C HIS A 64 -15.45 -6.48 -21.73
N HIS A 65 -15.09 -6.56 -23.01
CA HIS A 65 -16.10 -6.71 -24.06
C HIS A 65 -16.08 -8.14 -24.63
N HIS A 66 -15.30 -8.35 -25.69
CA HIS A 66 -15.18 -9.65 -26.32
C HIS A 66 -16.51 -10.11 -26.91
N HIS A 67 -16.48 -10.50 -28.19
CA HIS A 67 -17.68 -10.96 -28.88
C HIS A 67 -18.76 -9.88 -28.88
N HIS A 68 -20.00 -10.28 -29.13
CA HIS A 68 -21.11 -9.34 -29.16
C HIS A 68 -21.52 -8.94 -27.74
N HIS A 69 -22.64 -8.24 -27.63
CA HIS A 69 -23.14 -7.80 -26.34
C HIS A 69 -23.99 -8.88 -25.68
N VAL A 3 11.24 0.74 -8.17
CA VAL A 3 10.46 1.99 -8.34
C VAL A 3 11.34 3.22 -8.07
N PRO A 4 11.90 3.83 -9.13
CA PRO A 4 12.75 5.01 -9.00
C PRO A 4 11.96 6.28 -8.70
N CYS A 5 10.76 6.37 -9.29
CA CYS A 5 9.89 7.53 -9.09
C CYS A 5 10.59 8.82 -9.53
N ASP A 6 11.28 9.47 -8.59
CA ASP A 6 11.99 10.70 -8.89
C ASP A 6 13.50 10.48 -8.86
N ASN A 7 14.26 11.58 -8.88
CA ASN A 7 15.71 11.50 -8.86
C ASN A 7 16.24 11.62 -7.43
N VAL A 8 15.47 12.27 -6.57
CA VAL A 8 15.87 12.46 -5.18
C VAL A 8 15.08 11.54 -4.25
N SER A 9 13.97 11.00 -4.76
CA SER A 9 13.13 10.10 -3.98
C SER A 9 13.15 8.68 -4.56
N SER A 10 13.00 7.69 -3.69
CA SER A 10 13.00 6.29 -4.11
C SER A 10 12.30 5.41 -3.08
N CYS A 11 11.44 4.53 -3.57
CA CYS A 11 10.69 3.62 -2.70
C CYS A 11 11.47 2.34 -2.43
N PRO A 12 11.63 1.95 -1.15
CA PRO A 12 12.34 0.75 -0.76
C PRO A 12 11.43 -0.45 -0.60
N SER A 13 12.00 -1.64 -0.59
CA SER A 13 11.24 -2.88 -0.45
C SER A 13 10.19 -3.00 -1.56
N SER A 14 8.98 -2.53 -1.29
CA SER A 14 7.89 -2.60 -2.27
C SER A 14 6.74 -1.69 -1.86
N ASP A 15 6.96 -0.38 -1.97
CA ASP A 15 5.94 0.60 -1.62
C ASP A 15 5.63 1.52 -2.81
N THR A 16 4.60 2.34 -2.66
CA THR A 16 4.21 3.27 -3.72
C THR A 16 4.80 4.66 -3.48
N CYS A 17 5.04 5.38 -4.56
CA CYS A 17 5.59 6.73 -4.47
C CYS A 17 4.49 7.78 -4.55
N CYS A 18 4.39 8.60 -3.52
CA CYS A 18 3.38 9.65 -3.47
C CYS A 18 4.02 11.03 -3.35
N GLN A 19 3.20 12.07 -3.42
CA GLN A 19 3.69 13.45 -3.33
C GLN A 19 3.07 14.16 -2.13
N LEU A 20 3.85 15.04 -1.52
CA LEU A 20 3.38 15.80 -0.36
C LEU A 20 2.97 17.21 -0.76
N THR A 21 2.42 17.96 0.19
CA THR A 21 1.98 19.32 -0.06
C THR A 21 3.13 20.31 0.12
N SER A 22 4.32 19.78 0.38
CA SER A 22 5.50 20.61 0.59
C SER A 22 6.29 20.75 -0.72
N GLY A 23 5.70 20.31 -1.81
CA GLY A 23 6.36 20.40 -3.10
C GLY A 23 7.38 19.30 -3.31
N GLU A 24 7.54 18.44 -2.30
CA GLU A 24 8.49 17.34 -2.36
C GLU A 24 7.78 16.00 -2.35
N TRP A 25 8.35 15.01 -3.03
CA TRP A 25 7.76 13.68 -3.09
C TRP A 25 8.21 12.83 -1.91
N GLY A 26 7.74 11.59 -1.87
CA GLY A 26 8.11 10.69 -0.79
C GLY A 26 7.48 9.31 -0.96
N CYS A 27 8.04 8.33 -0.26
CA CYS A 27 7.53 6.96 -0.34
C CYS A 27 6.53 6.69 0.78
N CYS A 28 5.53 5.86 0.48
CA CYS A 28 4.51 5.51 1.46
C CYS A 28 4.27 4.01 1.51
N PRO A 29 4.90 3.30 2.46
CA PRO A 29 4.75 1.85 2.61
C PRO A 29 3.35 1.48 3.09
N ILE A 30 2.70 0.57 2.35
CA ILE A 30 1.34 0.13 2.69
C ILE A 30 0.50 1.27 3.27
N PRO A 31 0.17 2.27 2.44
CA PRO A 31 -0.61 3.44 2.86
C PRO A 31 -2.04 3.06 3.22
N GLU A 32 -2.92 4.06 3.28
CA GLU A 32 -4.32 3.85 3.60
C GLU A 32 -4.47 3.20 4.99
N ALA A 33 -4.35 4.01 6.03
CA ALA A 33 -4.46 3.52 7.40
C ALA A 33 -5.57 4.24 8.15
N VAL A 34 -5.30 5.48 8.55
CA VAL A 34 -6.28 6.27 9.28
C VAL A 34 -6.68 7.52 8.49
N CYS A 35 -5.97 8.62 8.74
CA CYS A 35 -6.24 9.88 8.04
C CYS A 35 -7.69 10.32 8.26
N CYS A 36 -8.06 11.43 7.62
CA CYS A 36 -9.40 11.97 7.73
C CYS A 36 -9.62 13.13 6.78
N SER A 37 -10.58 12.99 5.88
CA SER A 37 -10.88 14.02 4.89
C SER A 37 -12.38 14.27 4.80
N ASP A 38 -13.06 14.17 5.95
CA ASP A 38 -14.50 14.38 5.99
C ASP A 38 -14.85 15.84 5.72
N HIS A 39 -14.23 16.74 6.47
CA HIS A 39 -14.47 18.17 6.32
C HIS A 39 -13.37 18.82 5.48
N GLN A 40 -12.13 18.65 5.91
CA GLN A 40 -10.99 19.23 5.21
C GLN A 40 -9.69 18.53 5.61
N HIS A 41 -8.57 19.00 5.06
CA HIS A 41 -7.27 18.43 5.36
C HIS A 41 -6.62 19.14 6.53
N CYS A 42 -7.25 19.05 7.70
CA CYS A 42 -6.73 19.68 8.90
C CYS A 42 -5.72 18.79 9.61
N CYS A 43 -5.70 17.52 9.24
CA CYS A 43 -4.78 16.56 9.85
C CYS A 43 -4.36 15.49 8.84
N PRO A 44 -3.09 15.06 8.88
CA PRO A 44 -2.56 14.04 7.98
C PRO A 44 -2.90 12.63 8.45
N GLN A 45 -2.08 11.66 8.04
CA GLN A 45 -2.29 10.27 8.41
C GLN A 45 -2.00 10.05 9.90
N GLY A 46 -2.78 9.17 10.52
CA GLY A 46 -2.59 8.88 11.93
C GLY A 46 -3.67 9.51 12.80
N TYR A 47 -3.97 10.78 12.54
CA TYR A 47 -4.99 11.50 13.31
C TYR A 47 -6.35 11.39 12.63
N THR A 48 -7.41 11.63 13.41
CA THR A 48 -8.77 11.56 12.89
C THR A 48 -9.62 12.71 13.42
N CYS A 49 -10.62 13.11 12.64
CA CYS A 49 -11.51 14.19 13.03
C CYS A 49 -12.63 13.69 13.94
N VAL A 50 -12.38 13.73 15.25
CA VAL A 50 -13.36 13.29 16.22
C VAL A 50 -13.61 14.35 17.28
N ALA A 51 -14.86 14.46 17.73
CA ALA A 51 -15.23 15.44 18.75
C ALA A 51 -14.93 16.86 18.28
N GLU A 52 -15.95 17.55 17.78
CA GLU A 52 -15.81 18.91 17.28
C GLU A 52 -14.78 18.98 16.17
N GLY A 53 -14.29 20.19 15.88
CA GLY A 53 -13.31 20.36 14.83
C GLY A 53 -11.89 20.16 15.33
N GLN A 54 -11.53 18.91 15.58
CA GLN A 54 -10.19 18.57 16.06
C GLN A 54 -9.68 17.29 15.42
N CYS A 55 -8.45 16.91 15.75
CA CYS A 55 -7.85 15.69 15.20
C CYS A 55 -7.03 14.96 16.25
N GLN A 56 -7.40 13.73 16.54
CA GLN A 56 -6.71 12.91 17.53
C GLN A 56 -6.69 11.45 17.11
N LYS A 57 -5.87 10.65 17.78
CA LYS A 57 -5.78 9.23 17.48
C LYS A 57 -6.88 8.44 18.19
N LEU A 58 -7.60 7.62 17.42
CA LEU A 58 -8.69 6.82 17.97
C LEU A 58 -8.19 5.45 18.43
N ALA A 59 -8.65 5.03 19.60
CA ALA A 59 -8.25 3.74 20.15
C ALA A 59 -6.73 3.64 20.29
N ALA A 60 -6.11 4.74 20.72
CA ALA A 60 -4.67 4.77 20.90
C ALA A 60 -4.30 5.07 22.35
N ALA A 61 -3.10 4.61 22.75
CA ALA A 61 -2.63 4.82 24.11
C ALA A 61 -3.58 4.23 25.14
N LEU A 62 -3.40 2.94 25.43
CA LEU A 62 -4.24 2.24 26.40
C LEU A 62 -5.72 2.39 26.05
N GLU A 63 -6.55 2.56 27.09
CA GLU A 63 -8.00 2.72 26.89
C GLU A 63 -8.62 1.45 26.33
N HIS A 64 -9.95 1.42 26.28
CA HIS A 64 -10.67 0.26 25.76
C HIS A 64 -10.80 0.34 24.24
N HIS A 65 -11.40 -0.69 23.65
CA HIS A 65 -11.59 -0.73 22.20
C HIS A 65 -13.06 -0.63 21.84
N HIS A 66 -13.84 -1.65 22.22
CA HIS A 66 -15.26 -1.67 21.93
C HIS A 66 -16.02 -2.42 23.01
N HIS A 67 -17.35 -2.30 22.98
CA HIS A 67 -18.20 -2.97 23.97
C HIS A 67 -19.02 -4.08 23.32
N HIS A 68 -18.35 -5.18 23.00
CA HIS A 68 -19.00 -6.33 22.38
C HIS A 68 -19.70 -5.93 21.08
N HIS A 69 -21.01 -5.66 21.17
CA HIS A 69 -21.80 -5.26 20.01
C HIS A 69 -21.68 -6.30 18.90
N VAL A 3 15.81 3.82 -8.52
CA VAL A 3 14.49 3.81 -7.85
C VAL A 3 13.48 4.67 -8.61
N PRO A 4 12.19 4.27 -8.60
CA PRO A 4 11.13 5.01 -9.28
C PRO A 4 10.81 6.33 -8.60
N CYS A 5 9.54 6.75 -8.69
CA CYS A 5 9.10 8.00 -8.08
C CYS A 5 9.74 9.22 -8.77
N ASP A 6 10.98 9.52 -8.40
CA ASP A 6 11.69 10.65 -8.98
C ASP A 6 13.18 10.35 -9.10
N ASN A 7 13.56 9.11 -8.85
CA ASN A 7 14.96 8.72 -8.90
C ASN A 7 15.75 9.47 -7.84
N VAL A 8 17.07 9.27 -7.82
CA VAL A 8 17.95 9.93 -6.86
C VAL A 8 17.57 9.54 -5.43
N SER A 9 16.56 10.21 -4.88
CA SER A 9 16.11 9.93 -3.52
C SER A 9 14.64 9.52 -3.51
N SER A 10 14.39 8.22 -3.44
CA SER A 10 13.02 7.70 -3.43
C SER A 10 12.95 6.37 -2.68
N CYS A 11 11.78 5.76 -2.70
CA CYS A 11 11.57 4.49 -2.02
C CYS A 11 12.00 3.32 -2.90
N PRO A 12 12.26 2.14 -2.31
CA PRO A 12 12.70 0.96 -3.05
C PRO A 12 11.52 0.19 -3.64
N SER A 13 11.82 -0.89 -4.36
CA SER A 13 10.79 -1.71 -4.98
C SER A 13 10.03 -2.53 -3.94
N SER A 14 9.05 -1.90 -3.32
CA SER A 14 8.24 -2.56 -2.31
C SER A 14 7.11 -1.64 -1.83
N ASP A 15 7.48 -0.49 -1.29
CA ASP A 15 6.52 0.47 -0.79
C ASP A 15 6.10 1.45 -1.89
N THR A 16 5.27 2.42 -1.54
CA THR A 16 4.80 3.41 -2.49
C THR A 16 5.10 4.83 -2.03
N CYS A 17 5.52 5.68 -2.96
CA CYS A 17 5.85 7.06 -2.65
C CYS A 17 4.68 7.99 -2.98
N CYS A 18 4.62 9.13 -2.29
CA CYS A 18 3.55 10.09 -2.51
C CYS A 18 4.09 11.52 -2.46
N GLN A 19 3.46 12.40 -3.22
CA GLN A 19 3.88 13.81 -3.26
C GLN A 19 3.36 14.55 -2.04
N LEU A 20 3.84 15.77 -1.85
CA LEU A 20 3.43 16.59 -0.72
C LEU A 20 2.58 17.77 -1.17
N THR A 21 2.42 17.91 -2.49
CA THR A 21 1.63 19.00 -3.07
C THR A 21 2.13 20.36 -2.57
N SER A 22 3.44 20.47 -2.38
CA SER A 22 4.05 21.71 -1.92
C SER A 22 5.47 21.86 -2.46
N GLY A 23 6.11 20.73 -2.71
CA GLY A 23 7.47 20.76 -3.23
C GLY A 23 8.35 19.68 -2.63
N GLU A 24 7.82 19.00 -1.61
CA GLU A 24 8.56 17.93 -0.95
C GLU A 24 8.04 16.56 -1.36
N TRP A 25 8.68 15.51 -0.85
CA TRP A 25 8.29 14.14 -1.17
C TRP A 25 8.25 13.28 0.08
N GLY A 26 7.24 12.42 0.17
CA GLY A 26 7.10 11.55 1.33
C GLY A 26 6.56 10.18 0.98
N CYS A 27 7.17 9.14 1.53
CA CYS A 27 6.74 7.77 1.27
C CYS A 27 5.60 7.37 2.19
N CYS A 28 4.61 6.66 1.64
CA CYS A 28 3.46 6.21 2.42
C CYS A 28 2.96 4.87 1.92
N PRO A 29 3.56 3.76 2.41
CA PRO A 29 3.16 2.41 2.00
C PRO A 29 1.88 1.94 2.68
N ILE A 30 1.03 1.26 1.91
CA ILE A 30 -0.23 0.74 2.43
C ILE A 30 -0.39 -0.75 2.11
N PRO A 31 0.45 -1.60 2.74
CA PRO A 31 0.41 -3.06 2.52
C PRO A 31 -0.85 -3.69 3.10
N GLU A 32 -1.98 -3.43 2.45
CA GLU A 32 -3.26 -3.97 2.89
C GLU A 32 -3.19 -5.48 3.08
N ALA A 33 -4.01 -6.00 3.99
CA ALA A 33 -4.03 -7.43 4.28
C ALA A 33 -4.49 -8.23 3.06
N VAL A 34 -3.84 -9.37 2.83
CA VAL A 34 -4.17 -10.23 1.71
C VAL A 34 -5.15 -11.31 2.12
N CYS A 35 -6.22 -11.48 1.35
CA CYS A 35 -7.23 -12.49 1.65
C CYS A 35 -7.92 -12.96 0.36
N CYS A 36 -8.64 -14.08 0.47
CA CYS A 36 -9.35 -14.64 -0.67
C CYS A 36 -10.86 -14.59 -0.46
N SER A 37 -11.61 -14.33 -1.53
CA SER A 37 -13.06 -14.26 -1.45
C SER A 37 -13.69 -14.47 -2.82
N ASP A 38 -12.90 -14.27 -3.87
CA ASP A 38 -13.39 -14.44 -5.23
C ASP A 38 -12.60 -15.53 -5.96
N HIS A 39 -11.43 -15.85 -5.41
CA HIS A 39 -10.57 -16.88 -6.01
C HIS A 39 -10.01 -17.80 -4.94
N GLN A 40 -10.67 -18.94 -4.75
CA GLN A 40 -10.23 -19.92 -3.75
C GLN A 40 -9.02 -20.70 -4.25
N HIS A 41 -8.31 -21.34 -3.32
CA HIS A 41 -7.13 -22.12 -3.65
C HIS A 41 -6.08 -21.25 -4.37
N CYS A 42 -6.17 -19.94 -4.15
CA CYS A 42 -5.24 -19.01 -4.77
C CYS A 42 -5.00 -17.81 -3.85
N CYS A 43 -3.75 -17.35 -3.79
CA CYS A 43 -3.38 -16.22 -2.96
C CYS A 43 -2.01 -15.67 -3.33
N PRO A 44 -1.87 -14.33 -3.42
CA PRO A 44 -0.61 -13.70 -3.77
C PRO A 44 0.32 -13.55 -2.56
N GLN A 45 1.39 -12.79 -2.73
CA GLN A 45 2.36 -12.56 -1.66
C GLN A 45 2.88 -13.88 -1.10
N GLY A 46 2.26 -14.36 -0.02
CA GLY A 46 2.68 -15.61 0.59
C GLY A 46 1.72 -16.08 1.66
N TYR A 47 0.44 -15.81 1.45
CA TYR A 47 -0.59 -16.21 2.41
C TYR A 47 -1.27 -17.50 1.98
N THR A 48 -2.13 -18.03 2.85
CA THR A 48 -2.84 -19.27 2.54
C THR A 48 -4.29 -19.22 3.00
N CYS A 49 -5.18 -19.80 2.21
CA CYS A 49 -6.61 -19.84 2.54
C CYS A 49 -6.95 -21.13 3.28
N VAL A 50 -7.53 -20.98 4.48
CA VAL A 50 -7.89 -22.14 5.29
C VAL A 50 -9.40 -22.39 5.24
N ALA A 51 -9.81 -23.38 4.44
CA ALA A 51 -11.21 -23.73 4.30
C ALA A 51 -12.06 -22.52 3.95
N GLU A 52 -12.67 -21.92 4.96
CA GLU A 52 -13.52 -20.75 4.75
C GLU A 52 -13.12 -19.60 5.68
N GLY A 53 -12.63 -18.53 5.11
CA GLY A 53 -12.20 -17.38 5.90
C GLY A 53 -11.33 -16.42 5.12
N GLN A 54 -10.11 -16.22 5.59
CA GLN A 54 -9.18 -15.31 4.92
C GLN A 54 -7.82 -15.99 4.73
N CYS A 55 -6.90 -15.27 4.10
CA CYS A 55 -5.56 -15.79 3.85
C CYS A 55 -4.62 -15.45 5.00
N GLN A 56 -4.26 -16.47 5.78
CA GLN A 56 -3.37 -16.28 6.92
C GLN A 56 -1.93 -16.65 6.56
N LYS A 57 -0.99 -16.13 7.32
CA LYS A 57 0.43 -16.39 7.08
C LYS A 57 1.00 -17.31 8.15
N LEU A 58 1.50 -18.47 7.73
CA LEU A 58 2.08 -19.43 8.66
C LEU A 58 3.21 -20.21 8.00
N ALA A 59 3.93 -21.00 8.80
CA ALA A 59 5.04 -21.79 8.30
C ALA A 59 4.70 -23.28 8.35
N ALA A 60 3.55 -23.61 8.92
CA ALA A 60 3.11 -24.99 9.04
C ALA A 60 4.15 -25.85 9.73
N ALA A 61 4.35 -25.59 11.03
CA ALA A 61 5.31 -26.34 11.82
C ALA A 61 4.71 -27.64 12.36
N LEU A 62 3.95 -27.51 13.44
CA LEU A 62 3.30 -28.67 14.06
C LEU A 62 2.04 -28.26 14.79
N GLU A 63 1.64 -27.00 14.61
CA GLU A 63 0.45 -26.47 15.25
C GLU A 63 -0.82 -26.91 14.51
N HIS A 64 -1.39 -28.02 14.96
CA HIS A 64 -2.61 -28.56 14.35
C HIS A 64 -2.41 -28.83 12.86
N HIS A 65 -1.96 -30.03 12.53
CA HIS A 65 -1.73 -30.43 11.15
C HIS A 65 -3.06 -30.57 10.41
N HIS A 66 -2.99 -30.55 9.08
CA HIS A 66 -4.20 -30.68 8.27
C HIS A 66 -3.96 -31.61 7.07
N HIS A 67 -5.05 -31.96 6.39
CA HIS A 67 -4.96 -32.83 5.22
C HIS A 67 -4.97 -32.02 3.94
N HIS A 68 -4.72 -32.69 2.82
CA HIS A 68 -4.70 -32.03 1.52
C HIS A 68 -6.12 -31.79 1.01
N HIS A 69 -7.10 -32.25 1.78
CA HIS A 69 -8.50 -32.08 1.42
C HIS A 69 -9.24 -31.25 2.45
N VAL A 3 16.73 6.66 -0.18
CA VAL A 3 16.09 6.56 -1.52
C VAL A 3 15.24 7.79 -1.81
N PRO A 4 15.89 8.94 -2.09
CA PRO A 4 15.19 10.18 -2.40
C PRO A 4 14.51 10.16 -3.76
N CYS A 5 13.39 9.45 -3.84
CA CYS A 5 12.64 9.34 -5.09
C CYS A 5 12.21 10.72 -5.57
N ASP A 6 12.54 11.05 -6.82
CA ASP A 6 12.19 12.34 -7.39
C ASP A 6 12.33 12.34 -8.90
N ASN A 7 13.50 11.93 -9.38
CA ASN A 7 13.76 11.89 -10.82
C ASN A 7 14.66 10.70 -11.18
N VAL A 8 15.73 10.51 -10.43
CA VAL A 8 16.65 9.42 -10.69
C VAL A 8 16.72 8.45 -9.51
N SER A 9 15.68 8.46 -8.68
CA SER A 9 15.61 7.58 -7.52
C SER A 9 14.20 7.05 -7.31
N SER A 10 14.07 6.03 -6.47
CA SER A 10 12.77 5.43 -6.20
C SER A 10 12.78 4.69 -4.85
N CYS A 11 11.59 4.43 -4.33
CA CYS A 11 11.46 3.73 -3.06
C CYS A 11 11.51 2.21 -3.27
N PRO A 12 11.76 1.43 -2.20
CA PRO A 12 11.84 -0.03 -2.30
C PRO A 12 10.47 -0.70 -2.24
N SER A 13 10.46 -2.01 -2.43
CA SER A 13 9.21 -2.77 -2.42
C SER A 13 8.51 -2.66 -1.07
N SER A 14 7.28 -3.17 -1.02
CA SER A 14 6.48 -3.13 0.20
C SER A 14 6.11 -1.69 0.58
N ASP A 15 6.50 -0.75 -0.27
CA ASP A 15 6.21 0.67 -0.02
C ASP A 15 5.84 1.37 -1.32
N THR A 16 5.66 2.69 -1.24
CA THR A 16 5.29 3.48 -2.41
C THR A 16 5.64 4.96 -2.20
N CYS A 17 6.22 5.57 -3.21
CA CYS A 17 6.60 6.99 -3.14
C CYS A 17 5.46 7.87 -3.61
N CYS A 18 4.83 8.56 -2.66
CA CYS A 18 3.72 9.45 -2.98
C CYS A 18 4.13 10.91 -2.82
N GLN A 19 3.58 11.77 -3.69
CA GLN A 19 3.89 13.19 -3.64
C GLN A 19 2.83 13.94 -2.87
N LEU A 20 3.17 15.13 -2.37
CA LEU A 20 2.24 15.95 -1.61
C LEU A 20 1.64 17.04 -2.49
N THR A 21 1.86 18.30 -2.12
CA THR A 21 1.33 19.42 -2.89
C THR A 21 2.25 20.63 -2.78
N SER A 22 2.91 20.77 -1.64
CA SER A 22 3.82 21.89 -1.40
C SER A 22 5.04 21.79 -2.31
N GLY A 23 5.40 20.56 -2.68
CA GLY A 23 6.55 20.36 -3.55
C GLY A 23 7.53 19.36 -2.97
N GLU A 24 7.05 18.52 -2.06
CA GLU A 24 7.89 17.52 -1.42
C GLU A 24 7.37 16.11 -1.70
N TRP A 25 8.18 15.11 -1.36
CA TRP A 25 7.79 13.71 -1.57
C TRP A 25 7.68 12.98 -0.24
N GLY A 26 7.07 11.80 -0.27
CA GLY A 26 6.92 11.02 0.95
C GLY A 26 6.48 9.59 0.67
N CYS A 27 7.28 8.63 1.15
CA CYS A 27 6.96 7.22 0.95
C CYS A 27 6.10 6.70 2.09
N CYS A 28 5.25 5.72 1.80
CA CYS A 28 4.38 5.14 2.81
C CYS A 28 4.16 3.65 2.58
N PRO A 29 4.22 2.83 3.64
CA PRO A 29 4.02 1.38 3.54
C PRO A 29 2.55 1.02 3.39
N ILE A 30 2.28 -0.22 2.97
CA ILE A 30 0.93 -0.70 2.78
C ILE A 30 0.13 0.24 1.87
N PRO A 31 0.44 0.25 0.57
CA PRO A 31 -0.25 1.11 -0.40
C PRO A 31 -1.72 0.75 -0.57
N GLU A 32 -2.34 1.26 -1.63
CA GLU A 32 -3.74 0.98 -1.89
C GLU A 32 -3.96 -0.50 -2.20
N ALA A 33 -4.47 -1.24 -1.23
CA ALA A 33 -4.73 -2.66 -1.41
C ALA A 33 -5.93 -3.11 -0.59
N VAL A 34 -7.13 -2.94 -1.16
CA VAL A 34 -8.39 -3.32 -0.52
C VAL A 34 -8.33 -3.13 1.00
N CYS A 35 -7.90 -1.94 1.43
CA CYS A 35 -7.80 -1.64 2.85
C CYS A 35 -8.39 -0.25 3.15
N CYS A 36 -9.07 -0.14 4.29
CA CYS A 36 -9.69 1.12 4.69
C CYS A 36 -9.66 1.27 6.21
N SER A 37 -9.94 2.49 6.67
CA SER A 37 -9.96 2.78 8.11
C SER A 37 -8.60 2.50 8.74
N ASP A 38 -8.48 2.79 10.02
CA ASP A 38 -7.24 2.58 10.75
C ASP A 38 -7.43 2.81 12.25
N HIS A 39 -8.00 1.83 12.92
CA HIS A 39 -8.25 1.92 14.36
C HIS A 39 -7.24 1.09 15.15
N GLN A 40 -7.47 -0.21 15.22
CA GLN A 40 -6.57 -1.11 15.95
C GLN A 40 -6.69 -2.54 15.43
N HIS A 41 -5.79 -2.91 14.52
CA HIS A 41 -5.79 -4.25 13.94
C HIS A 41 -7.14 -4.58 13.32
N CYS A 42 -7.42 -3.97 12.18
CA CYS A 42 -8.68 -4.19 11.48
C CYS A 42 -8.51 -5.18 10.33
N CYS A 43 -9.37 -5.06 9.31
CA CYS A 43 -9.32 -5.94 8.16
C CYS A 43 -7.95 -5.91 7.48
N PRO A 44 -7.47 -7.06 6.97
CA PRO A 44 -6.17 -7.14 6.31
C PRO A 44 -6.24 -6.68 4.86
N GLN A 45 -5.40 -7.28 4.01
CA GLN A 45 -5.37 -6.93 2.59
C GLN A 45 -6.28 -7.84 1.78
N GLY A 46 -7.58 -7.78 2.07
CA GLY A 46 -8.53 -8.61 1.35
C GLY A 46 -9.95 -8.47 1.89
N TYR A 47 -10.39 -7.22 2.02
CA TYR A 47 -11.74 -6.94 2.53
C TYR A 47 -12.19 -5.54 2.11
N THR A 48 -13.50 -5.31 2.14
CA THR A 48 -14.05 -4.01 1.76
C THR A 48 -15.10 -3.53 2.76
N CYS A 49 -14.96 -2.28 3.19
CA CYS A 49 -15.90 -1.70 4.14
C CYS A 49 -17.06 -1.03 3.41
N VAL A 50 -18.24 -1.07 4.03
CA VAL A 50 -19.43 -0.46 3.43
C VAL A 50 -20.51 -0.24 4.50
N ALA A 51 -21.24 0.87 4.37
CA ALA A 51 -22.30 1.20 5.31
C ALA A 51 -21.76 1.35 6.73
N GLU A 52 -21.69 0.24 7.46
CA GLU A 52 -21.19 0.25 8.82
C GLU A 52 -19.66 0.19 8.84
N GLY A 53 -19.09 -0.15 10.00
CA GLY A 53 -17.65 -0.23 10.12
C GLY A 53 -17.12 -1.62 9.88
N GLN A 54 -17.93 -2.46 9.23
CA GLN A 54 -17.53 -3.84 8.93
C GLN A 54 -16.91 -3.93 7.54
N CYS A 55 -16.24 -5.05 7.27
CA CYS A 55 -15.60 -5.26 5.99
C CYS A 55 -15.84 -6.69 5.49
N GLN A 56 -16.43 -6.80 4.30
CA GLN A 56 -16.71 -8.10 3.70
C GLN A 56 -16.06 -8.22 2.34
N LYS A 57 -16.03 -9.43 1.80
CA LYS A 57 -15.43 -9.69 0.49
C LYS A 57 -16.51 -9.99 -0.54
N LEU A 58 -16.23 -9.68 -1.80
CA LEU A 58 -17.18 -9.92 -2.87
C LEU A 58 -16.61 -10.90 -3.90
N ALA A 59 -15.64 -10.42 -4.68
CA ALA A 59 -15.00 -11.24 -5.72
C ALA A 59 -15.98 -11.60 -6.83
N ALA A 60 -15.58 -11.33 -8.07
CA ALA A 60 -16.42 -11.62 -9.23
C ALA A 60 -17.78 -10.93 -9.12
N ALA A 61 -18.78 -11.67 -8.69
CA ALA A 61 -20.13 -11.12 -8.54
C ALA A 61 -20.97 -11.95 -7.58
N LEU A 62 -22.11 -11.41 -7.18
CA LEU A 62 -23.00 -12.11 -6.25
C LEU A 62 -24.31 -12.46 -6.93
N GLU A 63 -24.26 -12.67 -8.25
CA GLU A 63 -25.45 -13.01 -9.03
C GLU A 63 -25.96 -14.41 -8.65
N HIS A 64 -25.38 -15.43 -9.27
CA HIS A 64 -25.77 -16.81 -9.00
C HIS A 64 -24.71 -17.78 -9.50
N HIS A 65 -25.07 -19.06 -9.58
CA HIS A 65 -24.14 -20.09 -10.05
C HIS A 65 -24.83 -21.03 -11.03
N HIS A 66 -24.23 -21.16 -12.22
CA HIS A 66 -24.76 -22.04 -13.26
C HIS A 66 -26.19 -21.66 -13.63
N HIS A 67 -26.80 -22.48 -14.49
CA HIS A 67 -28.18 -22.23 -14.94
C HIS A 67 -29.13 -23.24 -14.31
N HIS A 68 -29.32 -23.15 -13.00
CA HIS A 68 -30.21 -24.05 -12.28
C HIS A 68 -29.84 -25.50 -12.55
N HIS A 69 -28.53 -25.76 -12.64
CA HIS A 69 -28.03 -27.11 -12.90
C HIS A 69 -28.61 -27.68 -14.19
N VAL A 3 14.61 8.82 0.55
CA VAL A 3 14.49 8.53 -0.89
C VAL A 3 13.29 9.25 -1.50
N PRO A 4 13.53 10.13 -2.48
CA PRO A 4 12.47 10.89 -3.14
C PRO A 4 11.85 10.11 -4.30
N CYS A 5 11.51 10.81 -5.38
CA CYS A 5 10.92 10.17 -6.56
C CYS A 5 10.73 11.18 -7.69
N ASP A 6 11.65 12.14 -7.78
CA ASP A 6 11.59 13.17 -8.81
C ASP A 6 11.95 12.60 -10.18
N ASN A 7 12.85 11.62 -10.17
CA ASN A 7 13.29 10.98 -11.41
C ASN A 7 13.88 9.60 -11.12
N VAL A 8 14.92 9.57 -10.29
CA VAL A 8 15.56 8.32 -9.93
C VAL A 8 15.85 8.27 -8.42
N SER A 9 15.22 7.32 -7.74
CA SER A 9 15.40 7.16 -6.30
C SER A 9 15.52 5.69 -5.94
N SER A 10 15.58 5.40 -4.64
CA SER A 10 15.69 4.03 -4.17
C SER A 10 14.92 3.81 -2.88
N CYS A 11 13.62 3.55 -3.01
CA CYS A 11 12.76 3.30 -1.84
C CYS A 11 12.73 1.81 -1.55
N PRO A 12 12.28 1.40 -0.34
CA PRO A 12 12.21 -0.01 0.04
C PRO A 12 10.94 -0.68 -0.47
N SER A 13 11.04 -1.98 -0.72
CA SER A 13 9.90 -2.75 -1.22
C SER A 13 8.71 -2.64 -0.27
N SER A 14 7.55 -3.10 -0.74
CA SER A 14 6.34 -3.05 0.07
C SER A 14 6.01 -1.62 0.47
N ASP A 15 6.30 -0.68 -0.42
CA ASP A 15 6.03 0.73 -0.17
C ASP A 15 6.24 1.56 -1.42
N THR A 16 5.17 2.22 -1.87
CA THR A 16 5.24 3.06 -3.07
C THR A 16 5.60 4.50 -2.70
N CYS A 17 5.92 5.30 -3.72
CA CYS A 17 6.28 6.70 -3.50
C CYS A 17 5.23 7.62 -4.12
N CYS A 18 4.85 8.66 -3.37
CA CYS A 18 3.86 9.61 -3.85
C CYS A 18 4.29 11.05 -3.54
N GLN A 19 3.58 12.01 -4.14
CA GLN A 19 3.89 13.42 -3.94
C GLN A 19 3.04 14.01 -2.81
N LEU A 20 3.55 15.09 -2.21
CA LEU A 20 2.85 15.75 -1.12
C LEU A 20 2.19 17.04 -1.60
N THR A 21 1.75 17.86 -0.67
CA THR A 21 1.11 19.13 -0.99
C THR A 21 2.07 20.30 -0.78
N SER A 22 3.22 20.02 -0.19
CA SER A 22 4.23 21.05 0.07
C SER A 22 5.25 21.11 -1.06
N GLY A 23 4.97 20.41 -2.15
CA GLY A 23 5.88 20.40 -3.28
C GLY A 23 7.07 19.49 -3.07
N GLU A 24 6.86 18.42 -2.31
CA GLU A 24 7.93 17.47 -2.04
C GLU A 24 7.53 16.05 -2.44
N TRP A 25 8.35 15.08 -2.07
CA TRP A 25 8.08 13.68 -2.40
C TRP A 25 8.43 12.77 -1.23
N GLY A 26 7.65 11.69 -1.06
CA GLY A 26 7.90 10.77 0.02
C GLY A 26 7.27 9.41 -0.22
N CYS A 27 7.79 8.39 0.44
CA CYS A 27 7.26 7.03 0.30
C CYS A 27 6.09 6.80 1.23
N CYS A 28 4.95 6.42 0.67
CA CYS A 28 3.75 6.17 1.45
C CYS A 28 3.76 4.74 1.99
N PRO A 29 3.13 4.53 3.17
CA PRO A 29 3.08 3.21 3.80
C PRO A 29 1.94 2.34 3.28
N ILE A 30 1.44 2.68 2.09
CA ILE A 30 0.33 1.93 1.50
C ILE A 30 0.74 1.35 0.13
N PRO A 31 1.48 0.24 0.13
CA PRO A 31 1.91 -0.42 -1.11
C PRO A 31 0.76 -1.09 -1.84
N GLU A 32 1.04 -2.26 -2.39
CA GLU A 32 0.03 -3.03 -3.12
C GLU A 32 -1.24 -3.20 -2.30
N ALA A 33 -2.31 -3.61 -2.96
CA ALA A 33 -3.61 -3.82 -2.30
C ALA A 33 -3.46 -4.58 -0.99
N VAL A 34 -3.07 -5.84 -1.08
CA VAL A 34 -2.90 -6.67 0.12
C VAL A 34 -1.63 -6.31 0.87
N CYS A 35 -1.75 -6.13 2.18
CA CYS A 35 -0.62 -5.80 3.03
C CYS A 35 -0.66 -6.57 4.34
N CYS A 36 -1.75 -6.40 5.08
CA CYS A 36 -1.94 -7.07 6.37
C CYS A 36 -0.82 -6.74 7.34
N SER A 37 -1.08 -5.80 8.23
CA SER A 37 -0.09 -5.38 9.23
C SER A 37 0.05 -6.45 10.31
N ASP A 38 -1.07 -6.84 10.91
CA ASP A 38 -1.08 -7.86 11.96
C ASP A 38 -0.13 -7.49 13.09
N HIS A 39 1.08 -8.05 13.06
CA HIS A 39 2.08 -7.78 14.09
C HIS A 39 3.48 -7.94 13.52
N GLN A 40 3.76 -9.12 12.98
CA GLN A 40 5.07 -9.42 12.40
C GLN A 40 4.95 -9.66 10.90
N HIS A 41 6.01 -10.20 10.30
CA HIS A 41 6.02 -10.48 8.88
C HIS A 41 6.69 -11.81 8.59
N CYS A 42 5.99 -12.66 7.84
CA CYS A 42 6.51 -13.98 7.48
C CYS A 42 5.83 -14.51 6.24
N CYS A 43 5.00 -13.68 5.63
CA CYS A 43 4.27 -14.07 4.42
C CYS A 43 4.62 -13.13 3.27
N PRO A 44 4.43 -13.60 2.01
CA PRO A 44 4.74 -12.80 0.82
C PRO A 44 3.80 -11.60 0.68
N GLN A 45 3.49 -11.24 -0.56
CA GLN A 45 2.60 -10.11 -0.84
C GLN A 45 1.38 -10.57 -1.62
N GLY A 46 0.28 -9.83 -1.47
CA GLY A 46 -0.94 -10.19 -2.18
C GLY A 46 -1.49 -11.53 -1.71
N TYR A 47 -1.19 -11.90 -0.47
CA TYR A 47 -1.64 -13.17 0.09
C TYR A 47 -2.94 -12.99 0.88
N THR A 48 -3.37 -14.08 1.52
CA THR A 48 -4.60 -14.06 2.31
C THR A 48 -4.30 -14.27 3.79
N CYS A 49 -4.97 -13.50 4.64
CA CYS A 49 -4.78 -13.59 6.07
C CYS A 49 -5.95 -14.32 6.74
N VAL A 50 -5.67 -15.46 7.35
CA VAL A 50 -6.70 -16.26 8.02
C VAL A 50 -6.86 -15.81 9.46
N ALA A 51 -7.89 -16.34 10.13
CA ALA A 51 -8.16 -16.01 11.51
C ALA A 51 -7.07 -16.54 12.44
N GLU A 52 -6.58 -17.74 12.13
CA GLU A 52 -5.54 -18.37 12.92
C GLU A 52 -4.19 -17.69 12.70
N GLY A 53 -3.13 -18.27 13.26
CA GLY A 53 -1.81 -17.70 13.11
C GLY A 53 -1.10 -18.20 11.86
N GLN A 54 -1.76 -18.06 10.72
CA GLN A 54 -1.19 -18.51 9.45
C GLN A 54 -1.75 -17.70 8.29
N CYS A 55 -1.09 -17.80 7.14
CA CYS A 55 -1.53 -17.08 5.94
C CYS A 55 -1.24 -17.90 4.69
N GLN A 56 -1.77 -17.46 3.55
CA GLN A 56 -1.56 -18.16 2.29
C GLN A 56 -2.01 -17.32 1.09
N LYS A 57 -1.13 -17.18 0.11
CA LYS A 57 -1.44 -16.42 -1.10
C LYS A 57 -2.21 -17.25 -2.11
N LEU A 58 -2.68 -16.61 -3.17
CA LEU A 58 -3.43 -17.30 -4.21
C LEU A 58 -2.61 -17.45 -5.47
N ALA A 59 -2.92 -18.46 -6.27
CA ALA A 59 -2.19 -18.71 -7.51
C ALA A 59 -3.08 -19.41 -8.53
N ALA A 60 -3.89 -20.36 -8.06
CA ALA A 60 -4.79 -21.11 -8.94
C ALA A 60 -5.84 -21.84 -8.13
N ALA A 61 -5.41 -22.88 -7.40
CA ALA A 61 -6.32 -23.68 -6.60
C ALA A 61 -6.42 -23.12 -5.18
N LEU A 62 -7.65 -23.03 -4.67
CA LEU A 62 -7.88 -22.52 -3.32
C LEU A 62 -8.51 -23.60 -2.44
N GLU A 63 -7.74 -24.63 -2.15
CA GLU A 63 -8.22 -25.73 -1.32
C GLU A 63 -7.64 -25.65 0.09
N HIS A 64 -8.48 -25.96 1.08
CA HIS A 64 -8.06 -25.92 2.48
C HIS A 64 -8.18 -27.30 3.12
N HIS A 65 -8.14 -27.34 4.44
CA HIS A 65 -8.26 -28.60 5.18
C HIS A 65 -9.55 -29.33 4.81
N HIS A 66 -10.68 -28.75 5.22
CA HIS A 66 -11.98 -29.34 4.94
C HIS A 66 -13.09 -28.31 5.17
N HIS A 67 -14.15 -28.41 4.38
CA HIS A 67 -15.29 -27.49 4.51
C HIS A 67 -16.54 -28.22 4.96
N HIS A 68 -17.22 -28.88 4.02
CA HIS A 68 -18.45 -29.60 4.32
C HIS A 68 -19.49 -28.68 4.93
N HIS A 69 -19.75 -27.56 4.24
CA HIS A 69 -20.74 -26.59 4.70
C HIS A 69 -22.09 -27.24 4.94
N VAL A 3 10.82 2.72 -7.38
CA VAL A 3 11.65 3.93 -7.15
C VAL A 3 10.78 5.13 -6.77
N PRO A 4 11.38 6.17 -6.17
CA PRO A 4 10.65 7.39 -5.75
C PRO A 4 10.05 8.14 -6.94
N CYS A 5 10.46 7.75 -8.14
CA CYS A 5 9.96 8.37 -9.37
C CYS A 5 10.35 9.84 -9.46
N ASP A 6 11.10 10.33 -8.47
CA ASP A 6 11.53 11.73 -8.46
C ASP A 6 12.43 12.04 -7.27
N ASN A 7 13.01 13.24 -7.27
CA ASN A 7 13.90 13.69 -6.20
C ASN A 7 15.18 12.87 -6.14
N VAL A 8 15.10 11.65 -5.59
CA VAL A 8 16.26 10.79 -5.48
C VAL A 8 15.95 9.40 -6.05
N SER A 9 16.60 8.36 -5.52
CA SER A 9 16.39 7.01 -6.00
C SER A 9 16.48 5.99 -4.85
N SER A 10 15.37 5.81 -4.14
CA SER A 10 15.33 4.87 -3.03
C SER A 10 13.89 4.61 -2.60
N CYS A 11 13.22 3.69 -3.29
CA CYS A 11 11.83 3.34 -2.96
C CYS A 11 11.55 1.90 -3.35
N PRO A 12 11.88 0.94 -2.46
CA PRO A 12 11.67 -0.48 -2.70
C PRO A 12 10.26 -0.94 -2.34
N SER A 13 10.03 -2.25 -2.41
CA SER A 13 8.73 -2.83 -2.09
C SER A 13 8.22 -2.32 -0.74
N SER A 14 6.93 -2.56 -0.47
CA SER A 14 6.32 -2.13 0.78
C SER A 14 6.37 -0.61 0.91
N ASP A 15 6.66 0.06 -0.20
CA ASP A 15 6.74 1.51 -0.24
C ASP A 15 6.61 2.02 -1.67
N THR A 16 5.55 2.78 -1.92
CA THR A 16 5.31 3.33 -3.25
C THR A 16 5.61 4.82 -3.31
N CYS A 17 5.94 5.30 -4.50
CA CYS A 17 6.26 6.71 -4.70
C CYS A 17 4.98 7.52 -4.91
N CYS A 18 4.81 8.57 -4.12
CA CYS A 18 3.64 9.43 -4.22
C CYS A 18 4.00 10.90 -4.03
N GLN A 19 3.07 11.79 -4.35
CA GLN A 19 3.30 13.22 -4.21
C GLN A 19 3.05 13.67 -2.78
N LEU A 20 3.64 14.80 -2.41
CA LEU A 20 3.47 15.34 -1.06
C LEU A 20 2.49 16.51 -1.06
N THR A 21 2.46 17.25 0.05
CA THR A 21 1.57 18.40 0.17
C THR A 21 2.36 19.69 0.32
N SER A 22 3.65 19.63 0.03
CA SER A 22 4.52 20.80 0.13
C SER A 22 5.14 21.12 -1.22
N GLY A 23 5.19 20.14 -2.11
CA GLY A 23 5.76 20.35 -3.43
C GLY A 23 6.91 19.41 -3.72
N GLU A 24 6.94 18.27 -3.02
CA GLU A 24 8.00 17.29 -3.21
C GLU A 24 7.42 15.89 -3.36
N TRP A 25 8.29 14.89 -3.45
CA TRP A 25 7.85 13.50 -3.58
C TRP A 25 8.40 12.65 -2.45
N GLY A 26 7.64 11.63 -2.06
CA GLY A 26 8.06 10.76 -0.98
C GLY A 26 7.40 9.40 -1.03
N CYS A 27 7.99 8.42 -0.35
CA CYS A 27 7.46 7.07 -0.32
C CYS A 27 6.46 6.89 0.83
N CYS A 28 5.34 6.24 0.54
CA CYS A 28 4.32 6.01 1.56
C CYS A 28 4.52 4.66 2.24
N PRO A 29 4.51 4.64 3.59
CA PRO A 29 4.70 3.40 4.35
C PRO A 29 3.62 2.37 4.07
N ILE A 30 2.48 2.83 3.53
CA ILE A 30 1.37 1.95 3.22
C ILE A 30 1.03 1.99 1.74
N PRO A 31 1.41 0.95 0.98
CA PRO A 31 1.14 0.87 -0.46
C PRO A 31 -0.35 0.80 -0.77
N GLU A 32 -1.02 1.95 -0.74
CA GLU A 32 -2.45 2.01 -1.01
C GLU A 32 -2.74 2.93 -2.19
N ALA A 33 -3.86 2.66 -2.88
CA ALA A 33 -4.26 3.45 -4.04
C ALA A 33 -3.25 3.34 -5.18
N VAL A 34 -3.69 2.79 -6.30
CA VAL A 34 -2.83 2.62 -7.46
C VAL A 34 -2.40 3.97 -8.04
N CYS A 35 -3.10 5.02 -7.63
CA CYS A 35 -2.79 6.38 -8.10
C CYS A 35 -2.90 6.46 -9.62
N CYS A 36 -2.09 7.34 -10.22
CA CYS A 36 -2.07 7.51 -11.67
C CYS A 36 -3.40 8.10 -12.17
N SER A 37 -3.32 8.88 -13.24
CA SER A 37 -4.51 9.50 -13.82
C SER A 37 -4.50 9.36 -15.34
N ASP A 38 -5.38 8.48 -15.84
CA ASP A 38 -5.47 8.24 -17.28
C ASP A 38 -6.35 9.29 -17.95
N HIS A 39 -5.75 10.11 -18.80
CA HIS A 39 -6.49 11.15 -19.51
C HIS A 39 -6.53 10.86 -21.00
N GLN A 40 -6.49 9.58 -21.36
CA GLN A 40 -6.52 9.16 -22.76
C GLN A 40 -7.64 8.16 -23.00
N HIS A 41 -7.45 6.93 -22.56
CA HIS A 41 -8.45 5.88 -22.74
C HIS A 41 -9.23 5.65 -21.44
N CYS A 42 -10.14 4.68 -21.47
CA CYS A 42 -10.96 4.36 -20.31
C CYS A 42 -10.51 3.05 -19.67
N CYS A 43 -9.85 3.15 -18.52
CA CYS A 43 -9.37 1.98 -17.80
C CYS A 43 -9.87 1.97 -16.36
N PRO A 44 -10.40 0.83 -15.88
CA PRO A 44 -10.91 0.71 -14.51
C PRO A 44 -9.85 1.04 -13.46
N GLN A 45 -10.26 1.08 -12.20
CA GLN A 45 -9.34 1.39 -11.11
C GLN A 45 -8.60 0.14 -10.66
N GLY A 46 -7.98 -0.56 -11.61
CA GLY A 46 -7.25 -1.77 -11.29
C GLY A 46 -5.99 -1.92 -12.12
N TYR A 47 -5.57 -0.84 -12.77
CA TYR A 47 -4.37 -0.85 -13.60
C TYR A 47 -3.59 0.44 -13.45
N THR A 48 -2.42 0.49 -14.08
CA THR A 48 -1.57 1.68 -14.02
C THR A 48 -1.24 2.20 -15.42
N CYS A 49 -0.93 3.49 -15.50
CA CYS A 49 -0.60 4.11 -16.77
C CYS A 49 0.89 3.98 -17.06
N VAL A 50 1.27 2.87 -17.69
CA VAL A 50 2.66 2.60 -18.02
C VAL A 50 2.98 3.10 -19.43
N ALA A 51 4.22 2.85 -19.87
CA ALA A 51 4.66 3.27 -21.21
C ALA A 51 3.77 2.69 -22.29
N GLU A 52 3.97 3.17 -23.52
CA GLU A 52 3.19 2.70 -24.66
C GLU A 52 1.70 3.00 -24.48
N GLY A 53 1.40 3.86 -23.50
CA GLY A 53 0.02 4.23 -23.24
C GLY A 53 -0.87 3.03 -23.00
N GLN A 54 -0.52 2.22 -22.00
CA GLN A 54 -1.30 1.04 -21.67
C GLN A 54 -1.60 0.97 -20.18
N CYS A 55 -2.72 0.36 -19.83
CA CYS A 55 -3.13 0.23 -18.43
C CYS A 55 -2.87 -1.18 -17.92
N GLN A 56 -1.94 -1.30 -16.97
CA GLN A 56 -1.58 -2.58 -16.39
C GLN A 56 -0.97 -2.39 -15.01
N LYS A 57 -1.10 -3.41 -14.16
CA LYS A 57 -0.57 -3.36 -12.81
C LYS A 57 0.94 -3.60 -12.82
N LEU A 58 1.63 -3.07 -11.81
CA LEU A 58 3.08 -3.22 -11.71
C LEU A 58 3.44 -4.25 -10.65
N ALA A 59 4.66 -4.77 -10.73
CA ALA A 59 5.14 -5.77 -9.79
C ALA A 59 6.66 -5.74 -9.69
N ALA A 60 7.30 -5.27 -10.76
CA ALA A 60 8.76 -5.19 -10.80
C ALA A 60 9.21 -3.81 -11.29
N ALA A 61 10.27 -3.30 -10.68
CA ALA A 61 10.81 -1.99 -11.05
C ALA A 61 12.32 -2.06 -11.28
N LEU A 62 12.72 -2.67 -12.38
CA LEU A 62 14.13 -2.80 -12.72
C LEU A 62 14.52 -1.82 -13.83
N GLU A 63 15.68 -2.05 -14.43
CA GLU A 63 16.17 -1.19 -15.50
C GLU A 63 15.30 -1.32 -16.75
N HIS A 64 15.54 -2.39 -17.52
CA HIS A 64 14.78 -2.63 -18.74
C HIS A 64 14.62 -4.13 -18.99
N HIS A 65 14.08 -4.47 -20.16
CA HIS A 65 13.88 -5.87 -20.52
C HIS A 65 15.12 -6.44 -21.20
N HIS A 66 16.19 -6.58 -20.42
CA HIS A 66 17.44 -7.12 -20.95
C HIS A 66 17.92 -8.30 -20.10
N HIS A 67 17.15 -9.38 -20.12
CA HIS A 67 17.48 -10.58 -19.35
C HIS A 67 17.70 -10.25 -17.89
N HIS A 68 18.44 -11.11 -17.19
CA HIS A 68 18.72 -10.91 -15.77
C HIS A 68 19.99 -10.07 -15.59
N HIS A 69 20.09 -9.40 -14.45
CA HIS A 69 21.25 -8.57 -14.15
C HIS A 69 22.41 -9.42 -13.64
N VAL A 3 11.56 1.19 -10.67
CA VAL A 3 11.12 2.05 -9.54
C VAL A 3 11.47 3.52 -9.81
N PRO A 4 10.84 4.14 -10.81
CA PRO A 4 11.08 5.54 -11.17
C PRO A 4 10.23 6.50 -10.34
N CYS A 5 10.87 7.18 -9.40
CA CYS A 5 10.17 8.14 -8.55
C CYS A 5 10.98 9.42 -8.38
N ASP A 6 11.02 10.23 -9.43
CA ASP A 6 11.76 11.50 -9.40
C ASP A 6 13.23 11.27 -9.05
N ASN A 7 13.91 12.34 -8.65
CA ASN A 7 15.32 12.26 -8.28
C ASN A 7 15.53 12.58 -6.81
N VAL A 8 16.66 12.12 -6.27
CA VAL A 8 17.00 12.34 -4.85
C VAL A 8 16.09 11.54 -3.92
N SER A 9 15.02 10.96 -4.48
CA SER A 9 14.08 10.18 -3.70
C SER A 9 13.97 8.75 -4.25
N SER A 10 14.55 7.80 -3.53
CA SER A 10 14.52 6.40 -3.95
C SER A 10 13.74 5.55 -2.96
N CYS A 11 13.12 4.49 -3.47
CA CYS A 11 12.35 3.58 -2.63
C CYS A 11 12.37 2.17 -3.20
N PRO A 12 12.18 1.14 -2.35
CA PRO A 12 12.19 -0.26 -2.78
C PRO A 12 10.84 -0.70 -3.33
N SER A 13 10.76 -1.97 -3.74
CA SER A 13 9.52 -2.52 -4.28
C SER A 13 8.58 -2.95 -3.16
N SER A 14 8.94 -2.61 -1.93
CA SER A 14 8.11 -2.97 -0.78
C SER A 14 7.22 -1.80 -0.36
N ASP A 15 7.27 -0.71 -1.13
CA ASP A 15 6.47 0.47 -0.84
C ASP A 15 6.21 1.27 -2.10
N THR A 16 5.57 2.43 -1.93
CA THR A 16 5.25 3.30 -3.05
C THR A 16 5.65 4.75 -2.75
N CYS A 17 6.02 5.48 -3.78
CA CYS A 17 6.42 6.88 -3.63
C CYS A 17 5.30 7.83 -4.04
N CYS A 18 4.73 8.53 -3.06
CA CYS A 18 3.65 9.47 -3.31
C CYS A 18 4.17 10.90 -3.29
N GLN A 19 3.39 11.82 -3.87
CA GLN A 19 3.78 13.22 -3.93
C GLN A 19 3.06 14.03 -2.84
N LEU A 20 3.72 15.08 -2.36
CA LEU A 20 3.16 15.93 -1.32
C LEU A 20 2.98 17.36 -1.82
N THR A 21 2.06 18.09 -1.20
CA THR A 21 1.80 19.47 -1.58
C THR A 21 2.95 20.39 -1.19
N SER A 22 3.82 19.89 -0.32
CA SER A 22 4.97 20.67 0.14
C SER A 22 6.06 20.71 -0.93
N GLY A 23 5.79 20.07 -2.06
CA GLY A 23 6.76 20.06 -3.16
C GLY A 23 7.76 18.93 -3.01
N GLU A 24 7.63 18.15 -1.94
CA GLU A 24 8.53 17.04 -1.69
C GLU A 24 7.83 15.71 -1.93
N TRP A 25 8.62 14.63 -1.98
CA TRP A 25 8.07 13.29 -2.20
C TRP A 25 8.34 12.38 -1.02
N GLY A 26 7.40 11.49 -0.74
CA GLY A 26 7.55 10.56 0.37
C GLY A 26 7.16 9.15 0.01
N CYS A 27 7.41 8.22 0.93
CA CYS A 27 7.08 6.81 0.69
C CYS A 27 6.07 6.32 1.72
N CYS A 28 5.02 5.65 1.24
CA CYS A 28 3.98 5.12 2.13
C CYS A 28 3.09 4.13 1.38
N PRO A 29 3.38 2.81 1.52
CA PRO A 29 2.59 1.76 0.85
C PRO A 29 1.32 1.43 1.62
N ILE A 30 0.54 2.46 1.92
CA ILE A 30 -0.71 2.29 2.66
C ILE A 30 -0.47 1.49 3.94
N PRO A 31 0.48 1.92 4.77
CA PRO A 31 0.80 1.25 6.03
C PRO A 31 -0.21 1.54 7.14
N GLU A 32 -1.49 1.46 6.78
CA GLU A 32 -2.56 1.71 7.74
C GLU A 32 -3.75 0.78 7.49
N ALA A 33 -4.23 0.14 8.55
CA ALA A 33 -5.36 -0.77 8.45
C ALA A 33 -6.10 -0.87 9.77
N VAL A 34 -7.09 -1.76 9.82
CA VAL A 34 -7.89 -1.96 11.02
C VAL A 34 -7.22 -2.95 11.96
N CYS A 35 -5.89 -2.89 12.04
CA CYS A 35 -5.11 -3.76 12.90
C CYS A 35 -5.28 -5.22 12.49
N CYS A 36 -4.40 -5.69 11.60
CA CYS A 36 -4.44 -7.06 11.13
C CYS A 36 -3.18 -7.41 10.35
N SER A 37 -2.59 -6.40 9.70
CA SER A 37 -1.37 -6.58 8.90
C SER A 37 -1.49 -7.79 7.98
N ASP A 38 -2.22 -7.62 6.88
CA ASP A 38 -2.40 -8.69 5.92
C ASP A 38 -1.68 -8.38 4.60
N HIS A 39 -1.90 -9.21 3.59
CA HIS A 39 -1.27 -9.02 2.29
C HIS A 39 -2.10 -9.65 1.18
N GLN A 40 -2.03 -10.97 1.07
CA GLN A 40 -2.78 -11.70 0.05
C GLN A 40 -4.28 -11.67 0.34
N HIS A 41 -4.67 -12.34 1.42
CA HIS A 41 -6.07 -12.38 1.81
C HIS A 41 -6.48 -11.10 2.52
N CYS A 42 -6.74 -10.05 1.74
CA CYS A 42 -7.12 -8.75 2.30
C CYS A 42 -8.63 -8.54 2.17
N CYS A 43 -9.17 -7.73 3.08
CA CYS A 43 -10.60 -7.44 3.08
C CYS A 43 -10.88 -6.10 2.37
N PRO A 44 -12.16 -5.83 2.03
CA PRO A 44 -12.54 -4.60 1.34
C PRO A 44 -12.55 -3.37 2.26
N GLN A 45 -11.50 -3.25 3.08
CA GLN A 45 -11.37 -2.12 4.02
C GLN A 45 -12.49 -2.13 5.05
N GLY A 46 -12.23 -1.48 6.18
CA GLY A 46 -13.22 -1.41 7.25
C GLY A 46 -13.62 -2.77 7.78
N TYR A 47 -12.72 -3.74 7.65
CA TYR A 47 -12.99 -5.10 8.12
C TYR A 47 -11.71 -5.78 8.59
N THR A 48 -11.82 -6.55 9.68
CA THR A 48 -10.67 -7.25 10.24
C THR A 48 -10.64 -8.71 9.80
N CYS A 49 -9.43 -9.25 9.65
CA CYS A 49 -9.25 -10.63 9.24
C CYS A 49 -9.24 -11.56 10.44
N VAL A 50 -10.32 -12.30 10.63
CA VAL A 50 -10.43 -13.23 11.74
C VAL A 50 -10.63 -14.67 11.25
N ALA A 51 -10.52 -15.63 12.16
CA ALA A 51 -10.68 -17.05 11.82
C ALA A 51 -9.69 -17.47 10.73
N GLU A 52 -9.91 -18.65 10.18
CA GLU A 52 -9.03 -19.18 9.13
C GLU A 52 -9.61 -18.91 7.75
N GLY A 53 -9.53 -17.65 7.32
CA GLY A 53 -10.04 -17.27 6.02
C GLY A 53 -11.33 -16.48 6.09
N GLN A 54 -11.59 -15.89 7.25
CA GLN A 54 -12.80 -15.10 7.44
C GLN A 54 -12.46 -13.61 7.60
N CYS A 55 -13.49 -12.79 7.83
CA CYS A 55 -13.30 -11.36 7.99
C CYS A 55 -14.53 -10.70 8.59
N GLN A 56 -14.35 -10.07 9.75
CA GLN A 56 -15.44 -9.39 10.44
C GLN A 56 -15.00 -8.01 10.91
N LYS A 57 -15.93 -7.06 10.92
CA LYS A 57 -15.62 -5.70 11.35
C LYS A 57 -15.15 -5.66 12.79
N LEU A 58 -14.69 -4.50 13.23
CA LEU A 58 -14.20 -4.32 14.59
C LEU A 58 -15.21 -3.56 15.46
N ALA A 59 -14.73 -2.97 16.55
CA ALA A 59 -15.58 -2.22 17.46
C ALA A 59 -16.03 -0.89 16.83
N ALA A 60 -16.31 0.10 17.67
CA ALA A 60 -16.74 1.41 17.21
C ALA A 60 -18.01 1.29 16.37
N ALA A 61 -19.07 0.76 16.98
CA ALA A 61 -20.35 0.60 16.30
C ALA A 61 -21.48 0.47 17.29
N LEU A 62 -21.42 -0.56 18.13
CA LEU A 62 -22.44 -0.81 19.14
C LEU A 62 -23.82 -0.95 18.51
N GLU A 63 -24.13 -2.16 18.06
CA GLU A 63 -25.43 -2.45 17.44
C GLU A 63 -25.66 -3.95 17.31
N HIS A 64 -24.93 -4.58 16.41
CA HIS A 64 -25.05 -6.01 16.19
C HIS A 64 -23.68 -6.67 16.18
N HIS A 65 -23.60 -7.87 15.59
CA HIS A 65 -22.35 -8.62 15.50
C HIS A 65 -21.85 -9.04 16.87
N HIS A 66 -21.25 -8.10 17.61
CA HIS A 66 -20.72 -8.37 18.94
C HIS A 66 -19.56 -9.36 18.88
N HIS A 67 -19.02 -9.70 20.05
CA HIS A 67 -17.90 -10.64 20.13
C HIS A 67 -16.70 -10.13 19.35
N HIS A 68 -15.75 -9.51 20.06
CA HIS A 68 -14.55 -8.98 19.43
C HIS A 68 -13.50 -10.08 19.23
N HIS A 69 -13.52 -11.06 20.12
CA HIS A 69 -12.58 -12.18 20.04
C HIS A 69 -13.24 -13.48 20.45
N VAL A 3 10.02 0.79 -7.64
CA VAL A 3 9.74 1.99 -6.81
C VAL A 3 9.75 3.26 -7.65
N PRO A 4 8.72 3.44 -8.49
CA PRO A 4 8.61 4.64 -9.36
C PRO A 4 8.61 5.93 -8.55
N CYS A 5 9.26 6.96 -9.09
CA CYS A 5 9.32 8.25 -8.42
C CYS A 5 9.68 9.37 -9.40
N ASP A 6 10.88 9.92 -9.27
CA ASP A 6 11.33 11.00 -10.15
C ASP A 6 12.85 11.09 -10.17
N ASN A 7 13.36 12.30 -10.35
CA ASN A 7 14.82 12.52 -10.39
C ASN A 7 15.47 11.99 -9.12
N VAL A 8 14.71 11.97 -8.02
CA VAL A 8 15.22 11.47 -6.74
C VAL A 8 14.35 10.33 -6.22
N SER A 9 14.62 9.12 -6.69
CA SER A 9 13.87 7.95 -6.28
C SER A 9 14.42 7.38 -4.97
N SER A 10 13.74 7.68 -3.87
CA SER A 10 14.15 7.19 -2.55
C SER A 10 12.99 6.55 -1.81
N CYS A 11 12.93 5.22 -1.85
CA CYS A 11 11.87 4.48 -1.18
C CYS A 11 12.28 3.03 -0.93
N PRO A 12 11.81 2.42 0.17
CA PRO A 12 12.14 1.05 0.52
C PRO A 12 11.24 0.04 -0.18
N SER A 13 11.62 -1.23 -0.11
CA SER A 13 10.85 -2.30 -0.74
C SER A 13 9.45 -2.39 -0.13
N SER A 14 8.53 -3.02 -0.86
CA SER A 14 7.16 -3.19 -0.39
C SER A 14 6.53 -1.84 -0.05
N ASP A 15 6.99 -0.80 -0.74
CA ASP A 15 6.46 0.55 -0.52
C ASP A 15 6.46 1.36 -1.82
N THR A 16 5.76 2.48 -1.81
CA THR A 16 5.68 3.35 -2.98
C THR A 16 5.88 4.81 -2.59
N CYS A 17 6.56 5.57 -3.46
CA CYS A 17 6.82 6.97 -3.21
C CYS A 17 5.68 7.84 -3.73
N CYS A 18 5.32 8.87 -2.98
CA CYS A 18 4.24 9.77 -3.37
C CYS A 18 4.67 11.22 -3.21
N GLN A 19 3.94 12.12 -3.86
CA GLN A 19 4.24 13.55 -3.78
C GLN A 19 3.59 14.17 -2.56
N LEU A 20 4.07 15.35 -2.17
CA LEU A 20 3.53 16.06 -1.02
C LEU A 20 3.22 17.51 -1.36
N THR A 21 2.43 18.17 -0.51
CA THR A 21 2.07 19.55 -0.72
C THR A 21 3.10 20.50 -0.11
N SER A 22 4.34 20.04 -0.04
CA SER A 22 5.43 20.84 0.53
C SER A 22 6.61 20.90 -0.44
N GLY A 23 6.36 20.58 -1.71
CA GLY A 23 7.40 20.61 -2.70
C GLY A 23 8.47 19.55 -2.46
N GLU A 24 8.09 18.47 -1.79
CA GLU A 24 9.02 17.39 -1.49
C GLU A 24 8.38 16.03 -1.74
N TRP A 25 9.22 15.00 -1.85
CA TRP A 25 8.75 13.64 -2.09
C TRP A 25 8.87 12.79 -0.82
N GLY A 26 7.97 11.83 -0.68
CA GLY A 26 7.99 10.97 0.49
C GLY A 26 7.60 9.54 0.16
N CYS A 27 7.49 8.70 1.19
CA CYS A 27 7.11 7.30 1.00
C CYS A 27 5.84 6.97 1.79
N CYS A 28 4.96 6.21 1.16
CA CYS A 28 3.70 5.82 1.79
C CYS A 28 3.50 4.30 1.73
N PRO A 29 3.06 3.68 2.84
CA PRO A 29 2.85 2.24 2.92
C PRO A 29 1.69 1.78 2.04
N ILE A 30 1.33 0.49 2.18
CA ILE A 30 0.24 -0.11 1.42
C ILE A 30 0.16 0.44 -0.02
N PRO A 31 1.07 -0.01 -0.90
CA PRO A 31 1.12 0.43 -2.29
C PRO A 31 0.29 -0.45 -3.21
N GLU A 32 -0.89 -0.84 -2.74
CA GLU A 32 -1.79 -1.69 -3.52
C GLU A 32 -3.09 -1.93 -2.75
N ALA A 33 -4.03 -2.62 -3.39
CA ALA A 33 -5.31 -2.93 -2.77
C ALA A 33 -5.40 -4.40 -2.37
N VAL A 34 -5.08 -5.28 -3.32
CA VAL A 34 -5.11 -6.71 -3.07
C VAL A 34 -3.72 -7.26 -2.76
N CYS A 35 -3.15 -6.82 -1.65
CA CYS A 35 -1.82 -7.25 -1.25
C CYS A 35 -1.90 -8.22 -0.08
N CYS A 36 -0.94 -9.13 0.01
CA CYS A 36 -0.92 -10.12 1.07
C CYS A 36 0.52 -10.52 1.41
N SER A 37 1.43 -10.18 0.52
CA SER A 37 2.85 -10.50 0.73
C SER A 37 3.43 -9.70 1.88
N ASP A 38 4.72 -9.93 2.16
CA ASP A 38 5.39 -9.23 3.24
C ASP A 38 6.81 -8.83 2.84
N HIS A 39 7.52 -9.78 2.22
CA HIS A 39 8.89 -9.53 1.79
C HIS A 39 9.26 -10.46 0.63
N GLN A 40 8.73 -11.68 0.66
CA GLN A 40 9.00 -12.66 -0.38
C GLN A 40 8.36 -12.24 -1.70
N HIS A 41 8.68 -12.97 -2.77
CA HIS A 41 8.14 -12.68 -4.09
C HIS A 41 6.65 -13.04 -4.15
N CYS A 42 5.84 -12.08 -4.57
CA CYS A 42 4.39 -12.29 -4.67
C CYS A 42 3.93 -12.23 -6.12
N CYS A 43 2.63 -12.43 -6.32
CA CYS A 43 2.04 -12.40 -7.66
C CYS A 43 1.62 -10.98 -8.03
N PRO A 44 1.42 -10.72 -9.34
CA PRO A 44 1.02 -9.39 -9.83
C PRO A 44 -0.27 -8.90 -9.19
N GLN A 45 -0.69 -7.70 -9.57
CA GLN A 45 -1.91 -7.10 -9.03
C GLN A 45 -3.12 -7.99 -9.30
N GLY A 46 -4.02 -8.07 -8.33
CA GLY A 46 -5.20 -8.89 -8.49
C GLY A 46 -5.15 -10.18 -7.69
N TYR A 47 -3.97 -10.79 -7.66
CA TYR A 47 -3.78 -12.05 -6.93
C TYR A 47 -3.49 -11.80 -5.45
N THR A 48 -3.90 -12.74 -4.61
CA THR A 48 -3.69 -12.63 -3.18
C THR A 48 -2.76 -13.73 -2.68
N CYS A 49 -2.45 -13.71 -1.39
CA CYS A 49 -1.57 -14.73 -0.80
C CYS A 49 -2.34 -15.62 0.16
N VAL A 50 -2.13 -16.94 0.03
CA VAL A 50 -2.81 -17.91 0.88
C VAL A 50 -2.35 -19.33 0.55
N ALA A 51 -2.89 -20.31 1.28
CA ALA A 51 -2.54 -21.72 1.06
C ALA A 51 -1.07 -21.99 1.35
N GLU A 52 -0.58 -23.15 0.95
CA GLU A 52 0.82 -23.53 1.16
C GLU A 52 1.76 -22.53 0.52
N GLY A 53 1.24 -21.76 -0.42
CA GLY A 53 2.04 -20.77 -1.10
C GLY A 53 1.49 -19.36 -0.90
N GLN A 54 1.31 -18.64 -2.00
CA GLN A 54 0.78 -17.29 -1.94
C GLN A 54 0.31 -16.82 -3.32
N CYS A 55 -0.93 -17.18 -3.66
CA CYS A 55 -1.52 -16.79 -4.94
C CYS A 55 -2.93 -17.33 -5.08
N GLN A 56 -3.91 -16.47 -4.87
CA GLN A 56 -5.31 -16.84 -4.97
C GLN A 56 -6.17 -15.63 -5.30
N LYS A 57 -7.06 -15.77 -6.28
CA LYS A 57 -7.94 -14.68 -6.68
C LYS A 57 -9.40 -15.02 -6.37
N LEU A 58 -10.27 -14.02 -6.50
CA LEU A 58 -11.69 -14.21 -6.24
C LEU A 58 -12.53 -13.58 -7.35
N ALA A 59 -13.86 -13.65 -7.19
CA ALA A 59 -14.78 -13.10 -8.18
C ALA A 59 -15.40 -11.80 -7.67
N ALA A 60 -16.43 -11.33 -8.36
CA ALA A 60 -17.11 -10.11 -7.98
C ALA A 60 -18.28 -10.40 -7.03
N ALA A 61 -18.47 -11.68 -6.73
CA ALA A 61 -19.55 -12.11 -5.84
C ALA A 61 -20.91 -11.62 -6.33
N LEU A 62 -21.50 -12.38 -7.25
CA LEU A 62 -22.80 -12.03 -7.81
C LEU A 62 -23.72 -13.25 -7.87
N GLU A 63 -23.96 -13.84 -6.70
CA GLU A 63 -24.83 -15.02 -6.60
C GLU A 63 -24.19 -16.23 -7.29
N HIS A 64 -24.29 -17.38 -6.65
CA HIS A 64 -23.73 -18.61 -7.20
C HIS A 64 -24.45 -19.84 -6.64
N HIS A 65 -25.40 -19.60 -5.76
CA HIS A 65 -26.16 -20.68 -5.14
C HIS A 65 -27.67 -20.44 -5.28
N HIS A 66 -28.03 -19.33 -5.93
CA HIS A 66 -29.43 -18.98 -6.14
C HIS A 66 -30.18 -18.96 -4.82
N HIS A 67 -29.88 -17.97 -3.99
CA HIS A 67 -30.53 -17.82 -2.69
C HIS A 67 -31.00 -16.38 -2.46
N HIS A 68 -31.90 -16.21 -1.50
CA HIS A 68 -32.43 -14.89 -1.17
C HIS A 68 -33.22 -14.93 0.13
N HIS A 69 -32.85 -14.07 1.08
CA HIS A 69 -33.54 -14.00 2.36
C HIS A 69 -34.82 -13.19 2.26
N VAL A 3 14.41 8.41 0.88
CA VAL A 3 14.12 8.26 -0.57
C VAL A 3 12.86 9.02 -0.97
N PRO A 4 13.01 10.28 -1.43
CA PRO A 4 11.87 11.11 -1.84
C PRO A 4 11.32 10.71 -3.21
N CYS A 5 11.61 9.48 -3.62
CA CYS A 5 11.14 8.97 -4.91
C CYS A 5 11.68 9.81 -6.06
N ASP A 6 12.68 10.62 -5.76
CA ASP A 6 13.29 11.48 -6.76
C ASP A 6 14.72 11.83 -6.36
N ASN A 7 15.32 12.80 -7.05
CA ASN A 7 16.68 13.21 -6.76
C ASN A 7 17.62 12.01 -6.79
N VAL A 8 17.63 11.30 -7.91
CA VAL A 8 18.48 10.12 -8.08
C VAL A 8 18.15 9.06 -7.03
N SER A 9 16.86 8.98 -6.68
CA SER A 9 16.40 8.01 -5.69
C SER A 9 14.96 7.58 -6.00
N SER A 10 14.55 6.45 -5.43
CA SER A 10 13.21 5.92 -5.64
C SER A 10 12.78 5.05 -4.47
N CYS A 11 11.50 4.67 -4.47
CA CYS A 11 10.94 3.83 -3.42
C CYS A 11 11.15 2.35 -3.75
N PRO A 12 11.23 1.48 -2.72
CA PRO A 12 11.43 0.05 -2.92
C PRO A 12 10.14 -0.69 -3.20
N SER A 13 10.24 -1.99 -3.45
CA SER A 13 9.07 -2.81 -3.75
C SER A 13 8.16 -2.92 -2.52
N SER A 14 7.00 -3.56 -2.72
CA SER A 14 6.04 -3.73 -1.64
C SER A 14 5.65 -2.39 -1.02
N ASP A 15 5.57 -1.36 -1.87
CA ASP A 15 5.21 -0.02 -1.40
C ASP A 15 4.66 0.81 -2.55
N THR A 16 4.15 1.99 -2.23
CA THR A 16 3.57 2.89 -3.23
C THR A 16 4.14 4.30 -3.08
N CYS A 17 4.52 4.89 -4.21
CA CYS A 17 5.07 6.24 -4.22
C CYS A 17 4.17 7.19 -4.99
N CYS A 18 3.84 8.33 -4.38
CA CYS A 18 2.97 9.31 -5.01
C CYS A 18 3.49 10.73 -4.80
N GLN A 19 2.75 11.71 -5.33
CA GLN A 19 3.12 13.11 -5.21
C GLN A 19 2.79 13.64 -3.81
N LEU A 20 3.31 14.83 -3.50
CA LEU A 20 3.07 15.45 -2.21
C LEU A 20 2.71 16.92 -2.37
N THR A 21 1.75 17.39 -1.57
CA THR A 21 1.31 18.77 -1.62
C THR A 21 2.35 19.71 -1.01
N SER A 22 3.46 19.13 -0.55
CA SER A 22 4.53 19.92 0.05
C SER A 22 5.40 20.59 -1.02
N GLY A 23 5.47 19.96 -2.19
CA GLY A 23 6.26 20.51 -3.27
C GLY A 23 7.20 19.48 -3.89
N GLU A 24 7.31 18.33 -3.24
CA GLU A 24 8.17 17.25 -3.74
C GLU A 24 7.42 15.93 -3.82
N TRP A 25 8.14 14.85 -4.07
CA TRP A 25 7.54 13.53 -4.16
C TRP A 25 7.82 12.72 -2.90
N GLY A 26 6.97 11.73 -2.62
CA GLY A 26 7.15 10.92 -1.44
C GLY A 26 6.43 9.58 -1.54
N CYS A 27 6.60 8.75 -0.50
CA CYS A 27 5.95 7.45 -0.47
C CYS A 27 4.89 7.38 0.62
N CYS A 28 3.95 6.45 0.47
CA CYS A 28 2.88 6.28 1.44
C CYS A 28 3.29 5.29 2.53
N PRO A 29 2.79 5.48 3.76
CA PRO A 29 3.11 4.62 4.90
C PRO A 29 3.23 3.15 4.51
N ILE A 30 4.40 2.56 4.76
CA ILE A 30 4.67 1.17 4.42
C ILE A 30 3.53 0.26 4.89
N PRO A 31 3.08 -0.66 4.01
CA PRO A 31 1.99 -1.59 4.31
C PRO A 31 2.42 -2.68 5.30
N GLU A 32 2.68 -2.28 6.53
CA GLU A 32 3.11 -3.21 7.57
C GLU A 32 2.52 -2.83 8.93
N ALA A 33 2.91 -3.57 9.97
CA ALA A 33 2.43 -3.31 11.32
C ALA A 33 3.50 -2.61 12.15
N VAL A 34 4.73 -3.14 12.08
CA VAL A 34 5.85 -2.57 12.82
C VAL A 34 6.98 -2.21 11.87
N CYS A 35 7.32 -0.93 11.81
CA CYS A 35 8.39 -0.45 10.94
C CYS A 35 9.25 0.60 11.64
N CYS A 36 10.55 0.30 11.76
CA CYS A 36 11.49 1.21 12.41
C CYS A 36 12.03 2.22 11.40
N SER A 37 12.03 1.83 10.13
CA SER A 37 12.53 2.69 9.05
C SER A 37 14.02 2.97 9.20
N ASP A 38 14.66 3.33 8.09
CA ASP A 38 16.08 3.63 8.09
C ASP A 38 16.51 4.28 6.77
N HIS A 39 17.80 4.51 6.62
CA HIS A 39 18.34 5.12 5.41
C HIS A 39 19.27 4.16 4.68
N GLN A 40 19.67 3.09 5.37
CA GLN A 40 20.55 2.10 4.78
C GLN A 40 19.94 0.70 4.90
N HIS A 41 19.83 0.20 6.13
CA HIS A 41 19.26 -1.12 6.38
C HIS A 41 17.74 -1.10 6.23
N CYS A 42 17.10 -2.18 6.66
CA CYS A 42 15.66 -2.28 6.58
C CYS A 42 15.09 -3.03 7.80
N CYS A 43 15.19 -2.40 8.96
CA CYS A 43 14.70 -3.00 10.19
C CYS A 43 13.30 -2.48 10.53
N PRO A 44 12.42 -3.37 11.03
CA PRO A 44 11.05 -3.01 11.39
C PRO A 44 10.94 -2.58 12.86
N GLN A 45 9.75 -2.13 13.25
CA GLN A 45 9.51 -1.70 14.63
C GLN A 45 9.35 -2.91 15.53
N GLY A 46 9.38 -4.10 14.95
CA GLY A 46 9.25 -5.31 15.73
C GLY A 46 10.37 -5.45 16.74
N TYR A 47 11.34 -4.54 16.65
CA TYR A 47 12.48 -4.52 17.55
C TYR A 47 12.84 -3.08 17.88
N THR A 48 13.79 -2.89 18.79
CA THR A 48 14.21 -1.54 19.18
C THR A 48 15.47 -1.16 18.43
N CYS A 49 15.41 -0.01 17.74
CA CYS A 49 16.55 0.48 16.97
C CYS A 49 17.52 1.26 17.85
N VAL A 50 18.49 0.55 18.40
CA VAL A 50 19.50 1.16 19.26
C VAL A 50 20.88 1.09 18.62
N ALA A 51 21.80 1.92 19.12
CA ALA A 51 23.16 1.98 18.60
C ALA A 51 23.18 2.33 17.12
N GLU A 52 23.13 1.31 16.26
CA GLU A 52 23.15 1.54 14.82
C GLU A 52 22.26 0.53 14.10
N GLY A 53 22.88 -0.46 13.46
CA GLY A 53 22.13 -1.46 12.74
C GLY A 53 21.65 -2.60 13.64
N GLN A 54 21.59 -2.34 14.94
CA GLN A 54 21.14 -3.34 15.90
C GLN A 54 19.68 -3.14 16.24
N CYS A 55 18.88 -4.19 16.09
CA CYS A 55 17.45 -4.11 16.38
C CYS A 55 17.02 -5.23 17.33
N GLN A 56 16.43 -4.85 18.45
CA GLN A 56 15.96 -5.82 19.45
C GLN A 56 14.86 -5.21 20.31
N LYS A 57 13.67 -5.80 20.27
CA LYS A 57 12.54 -5.29 21.04
C LYS A 57 12.69 -5.64 22.52
N LEU A 58 11.58 -5.58 23.24
CA LEU A 58 11.56 -5.88 24.67
C LEU A 58 12.37 -4.86 25.45
N ALA A 59 12.61 -5.13 26.73
CA ALA A 59 13.37 -4.23 27.59
C ALA A 59 12.67 -2.88 27.70
N ALA A 60 11.35 -2.89 27.60
CA ALA A 60 10.56 -1.67 27.68
C ALA A 60 10.07 -1.42 29.11
N ALA A 61 10.72 -2.08 30.07
CA ALA A 61 10.35 -1.93 31.48
C ALA A 61 8.93 -2.43 31.74
N LEU A 62 8.82 -3.62 32.31
CA LEU A 62 7.51 -4.20 32.61
C LEU A 62 7.37 -4.48 34.10
N GLU A 63 6.13 -4.52 34.58
CA GLU A 63 5.86 -4.79 35.99
C GLU A 63 5.98 -6.27 36.30
N HIS A 64 6.43 -6.59 37.51
CA HIS A 64 6.59 -7.97 37.93
C HIS A 64 5.41 -8.43 38.79
N HIS A 65 4.38 -8.95 38.13
CA HIS A 65 3.18 -9.43 38.82
C HIS A 65 3.54 -10.53 39.81
N HIS A 66 2.84 -10.56 40.95
CA HIS A 66 3.08 -11.56 41.97
C HIS A 66 2.76 -12.96 41.47
N HIS A 67 3.79 -13.69 41.04
CA HIS A 67 3.61 -15.04 40.54
C HIS A 67 3.91 -16.08 41.62
N HIS A 68 3.85 -17.35 41.25
CA HIS A 68 4.11 -18.44 42.19
C HIS A 68 5.61 -18.57 42.45
N HIS A 69 5.96 -19.25 43.54
CA HIS A 69 7.36 -19.44 43.90
C HIS A 69 7.51 -20.63 44.85
#